data_6QNK
#
_entry.id   6QNK
#
_cell.length_a   169.940
_cell.length_b   68.080
_cell.length_c   133.670
_cell.angle_alpha   90.00
_cell.angle_beta   127.20
_cell.angle_gamma   90.00
#
_symmetry.space_group_name_H-M   'C 1 2 1'
#
loop_
_entity.id
_entity.type
_entity.pdbx_description
1 polymer 'FAB light chain'
2 polymer 'FAB heavy chain'
3 non-polymer 'TETRAETHYLENE GLYCOL'
4 non-polymer 1,2-ETHANEDIOL
5 non-polymer 'TRIETHYLENE GLYCOL'
6 non-polymer D-MALATE
7 water water
#
loop_
_entity_poly.entity_id
_entity_poly.type
_entity_poly.pdbx_seq_one_letter_code
_entity_poly.pdbx_strand_id
1 'polypeptide(L)'
;MRCLAEFLGLLVLWIPGAIGDIVMTQATSSVPVTPGESVSISCRSSKSLLHSNGNTYLYWFLQRPGQSPQLLIYRMSNLA
SGVPDRFSGSGSGTAFTLTISRLEAEDVGVYYCMQHLEYPLTFGAGTKLELKRADAAPTVSIFPPSSEQLTSGGASVVCF
LNNFYPKDINVKWKIDGSERQNGVLNSWTDQDSKDSTYSMSSTLTLTKDEYERHNSYTCEATHKTSTSPIVKSFNRNEC
;
A,C
2 'polypeptide(L)'
;MDSRLNLVFLVLTLKGVQCDVQLVESGGGLVQPGGSRKLSCSASGFAFSSFGMHWVRQAPEKGLEWVAYISSGSGTIYYA
DTVKGRFTISRDDPKNTLFLQMTSLRSEDTAMYYCVRSIYYYGSSPFDFWGQGTTLTVSSAKTTPPSVYPLAPGCGDTTG
SSVTLGCLVKGYFPESVTVTWNSGSLSSSVHTFPALLQSGLYTMSSSVTVPSSTWPSQTVTCSVAHPASSTTVDKKLEPS
GPISTINPCPPCKECHKCPAPNLEGGPSVFIF
;
B,D
#
# COMPACT_ATOMS: atom_id res chain seq x y z
N ASP A 21 18.65 25.51 28.74
CA ASP A 21 18.82 25.16 27.34
C ASP A 21 17.90 26.01 26.46
N ILE A 22 18.18 26.03 25.16
CA ILE A 22 17.32 26.74 24.23
C ILE A 22 16.11 25.87 23.93
N VAL A 23 14.92 26.47 24.01
CA VAL A 23 13.68 25.75 23.79
C VAL A 23 13.20 26.04 22.37
N MET A 24 12.91 24.97 21.63
CA MET A 24 12.35 25.05 20.28
C MET A 24 10.88 24.67 20.34
N THR A 25 10.02 25.51 19.75
CA THR A 25 8.58 25.34 19.80
C THR A 25 8.04 25.19 18.39
N GLN A 26 7.32 24.09 18.14
CA GLN A 26 6.61 23.84 16.89
C GLN A 26 5.16 23.48 17.18
N ALA A 27 4.28 23.80 16.24
CA ALA A 27 2.91 23.28 16.28
C ALA A 27 2.91 21.77 16.15
N THR A 28 1.98 21.12 16.86
CA THR A 28 1.95 19.65 16.90
C THR A 28 1.54 19.07 15.55
N SER A 29 0.45 19.56 14.99
CA SER A 29 -0.03 19.07 13.71
C SER A 29 -0.16 20.23 12.75
N SER A 30 0.05 19.95 11.47
CA SER A 30 -0.16 20.94 10.41
C SER A 30 -1.50 20.66 9.75
N VAL A 31 -2.20 21.73 9.37
CA VAL A 31 -3.47 21.61 8.67
C VAL A 31 -3.24 20.73 7.44
N PRO A 32 -3.92 19.60 7.31
CA PRO A 32 -3.68 18.72 6.15
C PRO A 32 -3.95 19.45 4.85
N VAL A 33 -3.09 19.20 3.87
CA VAL A 33 -3.20 19.86 2.57
C VAL A 33 -3.05 18.82 1.46
N THR A 34 -3.73 19.08 0.33
CA THR A 34 -3.75 18.12 -0.77
C THR A 34 -2.45 18.17 -1.56
N PRO A 35 -2.01 17.02 -2.08
CA PRO A 35 -0.79 16.99 -2.92
C PRO A 35 -0.85 18.03 -4.02
N GLY A 36 0.25 18.73 -4.23
CA GLY A 36 0.34 19.81 -5.20
C GLY A 36 0.14 21.20 -4.63
N GLU A 37 -0.36 21.32 -3.41
CA GLU A 37 -0.50 22.61 -2.78
C GLU A 37 0.74 22.95 -1.96
N SER A 38 0.77 24.19 -1.47
CA SER A 38 1.90 24.69 -0.69
C SER A 38 1.59 24.53 0.80
N VAL A 39 2.65 24.44 1.59
CA VAL A 39 2.52 24.33 3.04
C VAL A 39 3.74 24.97 3.70
N SER A 40 3.52 25.58 4.85
CA SER A 40 4.59 26.23 5.60
C SER A 40 4.57 25.71 7.03
N ILE A 41 5.68 25.14 7.48
CA ILE A 41 5.87 24.65 8.84
C ILE A 41 6.73 25.64 9.61
N SER A 42 6.25 26.09 10.76
CA SER A 42 6.91 27.13 11.52
C SER A 42 7.56 26.55 12.77
N CYS A 43 8.62 27.22 13.21
CA CYS A 43 9.38 26.85 14.40
C CYS A 43 9.86 28.14 15.03
N ARG A 44 9.97 28.16 16.36
CA ARG A 44 10.53 29.33 17.01
C ARG A 44 11.44 28.91 18.15
N SER A 45 12.39 29.78 18.49
CA SER A 45 13.39 29.49 19.51
C SER A 45 13.29 30.50 20.65
N SER A 46 13.55 30.03 21.87
CA SER A 46 13.54 30.90 23.04
C SER A 46 14.66 31.91 23.03
N LYS A 47 15.65 31.75 22.16
CA LYS A 47 16.75 32.68 22.06
C LYS A 47 17.14 32.76 20.58
N SER A 48 17.59 33.94 20.17
CA SER A 48 17.92 34.13 18.76
C SER A 48 19.02 33.19 18.31
N LEU A 49 18.81 32.55 17.17
CA LEU A 49 19.81 31.67 16.59
C LEU A 49 20.69 32.38 15.57
N LEU A 50 20.43 33.66 15.32
CA LEU A 50 21.32 34.49 14.52
C LEU A 50 22.60 34.73 15.30
N HIS A 51 23.71 34.20 14.80
CA HIS A 51 25.01 34.40 15.41
C HIS A 51 25.64 35.69 14.89
N SER A 52 26.61 36.21 15.65
CA SER A 52 27.30 37.43 15.23
C SER A 52 28.03 37.25 13.90
N ASN A 53 28.36 36.01 13.51
CA ASN A 53 29.06 35.78 12.26
C ASN A 53 28.14 35.83 11.04
N GLY A 54 26.85 36.13 11.23
CA GLY A 54 25.93 36.22 10.12
C GLY A 54 25.12 34.97 9.85
N ASN A 55 25.49 33.82 10.41
CA ASN A 55 24.75 32.59 10.19
C ASN A 55 23.65 32.43 11.23
N THR A 56 22.55 31.79 10.82
CA THR A 56 21.48 31.39 11.73
C THR A 56 21.51 29.87 11.86
N TYR A 57 21.82 29.37 13.05
CA TYR A 57 22.10 27.94 13.22
C TYR A 57 20.81 27.19 13.53
N LEU A 58 20.01 27.04 12.47
CA LEU A 58 18.72 26.36 12.52
C LEU A 58 18.71 25.29 11.46
N TYR A 59 18.25 24.09 11.83
CA TYR A 59 18.27 22.92 10.97
C TYR A 59 16.87 22.35 10.87
N TRP A 60 16.50 21.87 9.69
CA TRP A 60 15.23 21.24 9.44
C TRP A 60 15.47 19.81 8.99
N PHE A 61 14.77 18.86 9.64
CA PHE A 61 14.78 17.44 9.32
C PHE A 61 13.37 16.94 9.03
N LEU A 62 13.28 15.96 8.14
CA LEU A 62 12.03 15.25 7.85
C LEU A 62 12.22 13.79 8.23
N GLN A 63 11.27 13.25 8.98
CA GLN A 63 11.23 11.82 9.30
C GLN A 63 9.97 11.26 8.68
N ARG A 64 10.12 10.55 7.57
CA ARG A 64 9.01 9.89 6.93
C ARG A 64 8.62 8.67 7.75
N PRO A 65 7.37 8.22 7.63
CA PRO A 65 6.89 7.14 8.50
C PRO A 65 7.78 5.90 8.38
N GLY A 66 8.25 5.42 9.53
CA GLY A 66 9.11 4.25 9.57
C GLY A 66 10.51 4.46 9.06
N GLN A 67 10.91 5.70 8.80
CA GLN A 67 12.23 6.02 8.27
CA GLN A 67 12.24 6.00 8.27
C GLN A 67 13.05 6.78 9.30
N SER A 68 14.35 6.83 9.07
CA SER A 68 15.21 7.67 9.89
C SER A 68 15.04 9.12 9.46
N PRO A 69 15.32 10.07 10.35
CA PRO A 69 15.28 11.48 9.95
C PRO A 69 16.29 11.75 8.84
N GLN A 70 15.94 12.67 7.96
CA GLN A 70 16.88 13.09 6.93
C GLN A 70 16.97 14.60 6.90
N LEU A 71 18.18 15.10 6.63
CA LEU A 71 18.42 16.53 6.60
C LEU A 71 17.70 17.14 5.42
N LEU A 72 16.99 18.24 5.67
CA LEU A 72 16.41 19.07 4.61
C LEU A 72 17.12 20.41 4.50
N ILE A 73 17.28 21.12 5.60
CA ILE A 73 17.82 22.47 5.58
C ILE A 73 18.88 22.59 6.66
N TYR A 74 20.03 23.18 6.31
CA TYR A 74 21.07 23.47 7.28
C TYR A 74 21.35 24.96 7.31
N ARG A 75 21.57 25.49 8.51
CA ARG A 75 21.79 26.91 8.76
C ARG A 75 20.70 27.77 8.13
N MET A 76 19.45 27.37 8.42
CA MET A 76 18.21 28.09 8.15
C MET A 76 17.76 28.08 6.69
N SER A 77 18.66 28.30 5.73
CA SER A 77 18.22 28.50 4.36
C SER A 77 18.94 27.64 3.32
N ASN A 78 19.98 26.92 3.69
CA ASN A 78 20.74 26.13 2.72
C ASN A 78 20.09 24.77 2.53
N LEU A 79 19.91 24.39 1.26
CA LEU A 79 19.24 23.14 0.91
C LEU A 79 20.26 22.01 0.93
N ALA A 80 19.89 20.89 1.58
CA ALA A 80 20.78 19.74 1.67
C ALA A 80 20.83 19.01 0.33
N SER A 81 21.93 18.27 0.13
CA SER A 81 22.13 17.55 -1.12
C SER A 81 21.05 16.52 -1.34
N GLY A 82 20.51 16.48 -2.56
CA GLY A 82 19.46 15.55 -2.90
C GLY A 82 18.07 16.01 -2.56
N VAL A 83 17.92 17.16 -1.92
CA VAL A 83 16.60 17.65 -1.51
C VAL A 83 16.00 18.47 -2.64
N PRO A 84 14.75 18.22 -3.03
CA PRO A 84 14.14 18.97 -4.13
C PRO A 84 13.99 20.45 -3.80
N ASP A 85 14.12 21.28 -4.82
CA ASP A 85 13.92 22.73 -4.69
C ASP A 85 12.50 23.13 -4.33
N ARG A 86 11.54 22.21 -4.27
CA ARG A 86 10.25 22.61 -3.72
C ARG A 86 10.34 22.92 -2.23
N PHE A 87 11.40 22.44 -1.56
CA PHE A 87 11.68 22.81 -0.17
C PHE A 87 12.51 24.08 -0.14
N SER A 88 12.18 24.96 0.81
CA SER A 88 13.00 26.14 1.02
C SER A 88 12.89 26.53 2.49
N GLY A 89 13.95 27.15 2.99
CA GLY A 89 14.00 27.58 4.39
C GLY A 89 14.19 29.08 4.49
N SER A 90 13.53 29.68 5.48
CA SER A 90 13.68 31.10 5.74
C SER A 90 13.47 31.36 7.22
N GLY A 91 13.66 32.60 7.63
CA GLY A 91 13.37 32.97 9.00
C GLY A 91 14.18 34.16 9.45
N SER A 92 13.95 34.52 10.71
CA SER A 92 14.66 35.62 11.35
C SER A 92 15.51 35.07 12.47
N GLY A 93 15.68 35.82 13.54
CA GLY A 93 16.51 35.34 14.64
C GLY A 93 15.83 34.27 15.46
N THR A 94 14.54 34.44 15.75
CA THR A 94 13.83 33.54 16.65
C THR A 94 12.64 32.86 16.00
N ALA A 95 12.38 33.08 14.72
CA ALA A 95 11.26 32.46 14.03
C ALA A 95 11.69 31.98 12.65
N PHE A 96 11.29 30.76 12.30
CA PHE A 96 11.77 30.12 11.08
C PHE A 96 10.63 29.37 10.41
N THR A 97 10.72 29.29 9.08
CA THR A 97 9.70 28.65 8.28
C THR A 97 10.34 27.73 7.26
N LEU A 98 9.85 26.50 7.19
CA LEU A 98 10.15 25.59 6.09
C LEU A 98 8.95 25.57 5.16
N THR A 99 9.17 25.89 3.90
CA THR A 99 8.10 26.00 2.93
C THR A 99 8.23 24.92 1.87
N ILE A 100 7.14 24.23 1.57
CA ILE A 100 7.05 23.30 0.46
C ILE A 100 6.08 23.87 -0.57
N SER A 101 6.59 24.16 -1.75
CA SER A 101 5.78 24.81 -2.78
C SER A 101 4.69 23.89 -3.32
N ARG A 102 5.06 22.71 -3.82
CA ARG A 102 4.09 21.71 -4.27
C ARG A 102 4.28 20.44 -3.46
N LEU A 103 3.27 20.08 -2.67
CA LEU A 103 3.40 18.91 -1.80
C LEU A 103 3.39 17.63 -2.63
N GLU A 104 4.38 16.77 -2.40
CA GLU A 104 4.42 15.44 -2.99
C GLU A 104 4.10 14.42 -1.92
N ALA A 105 3.41 13.34 -2.30
CA ALA A 105 2.93 12.37 -1.32
C ALA A 105 4.05 11.86 -0.42
N GLU A 106 5.27 11.77 -0.95
CA GLU A 106 6.41 11.31 -0.16
C GLU A 106 6.84 12.33 0.88
N ASP A 107 6.28 13.54 0.88
CA ASP A 107 6.64 14.55 1.86
C ASP A 107 5.89 14.39 3.18
N VAL A 108 4.97 13.43 3.28
CA VAL A 108 4.26 13.19 4.51
C VAL A 108 5.23 12.70 5.57
N GLY A 109 5.04 13.14 6.80
CA GLY A 109 5.92 12.71 7.87
C GLY A 109 5.99 13.79 8.93
N VAL A 110 6.98 13.69 9.80
CA VAL A 110 7.16 14.65 10.88
C VAL A 110 8.37 15.52 10.59
N TYR A 111 8.18 16.83 10.71
CA TYR A 111 9.23 17.80 10.46
C TYR A 111 9.73 18.34 11.80
N TYR A 112 11.04 18.19 12.03
CA TYR A 112 11.68 18.64 13.26
C TYR A 112 12.63 19.79 12.94
N CYS A 113 12.50 20.88 13.68
CA CYS A 113 13.55 21.87 13.70
C CYS A 113 14.53 21.57 14.83
N MET A 114 15.77 22.05 14.68
CA MET A 114 16.82 21.84 15.66
C MET A 114 17.73 23.04 15.64
N GLN A 115 18.12 23.53 16.81
CA GLN A 115 19.10 24.59 16.88
C GLN A 115 20.50 23.99 17.06
N HIS A 116 21.48 24.60 16.39
CA HIS A 116 22.88 24.22 16.53
C HIS A 116 23.72 25.39 17.06
N LEU A 117 23.08 26.37 17.68
CA LEU A 117 23.83 27.51 18.21
C LEU A 117 24.62 27.10 19.45
N GLU A 118 23.98 26.38 20.37
CA GLU A 118 24.59 26.04 21.65
C GLU A 118 24.35 24.57 21.97
N TYR A 119 25.27 23.99 22.73
CA TYR A 119 25.01 22.67 23.30
C TYR A 119 24.34 22.84 24.67
N PRO A 120 23.39 21.98 25.04
CA PRO A 120 22.93 20.81 24.28
C PRO A 120 22.13 21.21 23.06
N LEU A 121 22.30 20.49 21.97
CA LEU A 121 21.44 20.68 20.82
C LEU A 121 20.01 20.26 21.17
N THR A 122 19.04 21.08 20.76
CA THR A 122 17.64 20.87 21.10
C THR A 122 16.74 20.92 19.87
N PHE A 123 15.71 20.09 19.90
CA PHE A 123 14.75 19.92 18.80
C PHE A 123 13.40 20.49 19.18
N GLY A 124 12.63 20.87 18.15
CA GLY A 124 11.21 21.06 18.33
C GLY A 124 10.51 19.72 18.56
N ALA A 125 9.27 19.80 19.04
CA ALA A 125 8.52 18.58 19.31
C ALA A 125 8.13 17.85 18.05
N GLY A 126 8.17 18.52 16.90
CA GLY A 126 7.80 17.93 15.64
C GLY A 126 6.45 18.38 15.13
N THR A 127 6.36 18.64 13.84
CA THR A 127 5.10 18.97 13.18
C THR A 127 4.76 17.85 12.22
N LYS A 128 3.65 17.15 12.48
CA LYS A 128 3.23 16.04 11.65
C LYS A 128 2.42 16.57 10.47
N LEU A 129 2.85 16.22 9.27
CA LEU A 129 2.19 16.60 8.03
C LEU A 129 1.55 15.36 7.41
N GLU A 130 0.25 15.47 7.13
CA GLU A 130 -0.56 14.41 6.53
C GLU A 130 -1.36 15.00 5.37
N LEU A 131 -1.91 14.12 4.53
CA LEU A 131 -2.61 14.54 3.33
C LEU A 131 -4.09 14.78 3.59
N LYS A 132 -4.64 15.79 2.92
CA LYS A 132 -6.07 16.05 2.93
C LYS A 132 -6.75 15.25 1.81
N ARG A 133 -7.97 14.79 2.10
CA ARG A 133 -8.79 14.10 1.12
C ARG A 133 -10.25 14.39 1.45
N ALA A 134 -11.15 13.88 0.61
CA ALA A 134 -12.59 14.06 0.84
C ALA A 134 -13.01 13.30 2.10
N ASP A 135 -14.00 13.85 2.79
CA ASP A 135 -14.55 13.20 3.97
C ASP A 135 -15.08 11.81 3.62
N ALA A 136 -15.00 10.89 4.58
CA ALA A 136 -15.44 9.53 4.38
C ALA A 136 -15.96 8.98 5.69
N ALA A 137 -17.12 8.35 5.66
CA ALA A 137 -17.70 7.78 6.85
C ALA A 137 -16.99 6.48 7.22
N PRO A 138 -16.97 6.13 8.51
CA PRO A 138 -16.31 4.89 8.91
C PRO A 138 -17.17 3.68 8.60
N THR A 139 -16.51 2.59 8.25
CA THR A 139 -17.15 1.28 8.19
C THR A 139 -16.99 0.64 9.56
N VAL A 140 -18.11 0.38 10.22
CA VAL A 140 -18.11 -0.06 11.61
C VAL A 140 -18.43 -1.54 11.66
N SER A 141 -17.61 -2.30 12.37
CA SER A 141 -17.83 -3.72 12.59
C SER A 141 -17.66 -4.04 14.06
N ILE A 142 -18.57 -4.84 14.61
CA ILE A 142 -18.55 -5.23 16.02
C ILE A 142 -18.28 -6.73 16.09
N PHE A 143 -17.53 -7.13 17.12
CA PHE A 143 -17.14 -8.52 17.33
C PHE A 143 -17.29 -8.85 18.81
N PRO A 144 -18.05 -9.90 19.14
CA PRO A 144 -18.14 -10.35 20.52
C PRO A 144 -16.86 -11.04 20.95
N PRO A 145 -16.65 -11.24 22.25
CA PRO A 145 -15.48 -12.00 22.70
C PRO A 145 -15.50 -13.41 22.12
N SER A 146 -14.32 -13.89 21.73
CA SER A 146 -14.19 -15.26 21.28
C SER A 146 -14.38 -16.22 22.46
N SER A 147 -14.92 -17.40 22.16
CA SER A 147 -15.04 -18.43 23.19
C SER A 147 -13.67 -18.73 23.80
N GLU A 148 -12.61 -18.68 22.97
N GLU A 148 -12.61 -18.68 22.98
CA GLU A 148 -11.26 -18.95 23.45
CA GLU A 148 -11.27 -18.96 23.48
C GLU A 148 -10.88 -17.99 24.58
C GLU A 148 -10.88 -17.99 24.59
N GLN A 149 -11.15 -16.70 24.40
CA GLN A 149 -10.82 -15.74 25.44
C GLN A 149 -11.67 -15.97 26.68
N LEU A 150 -12.95 -16.32 26.48
CA LEU A 150 -13.81 -16.55 27.63
C LEU A 150 -13.31 -17.72 28.48
N THR A 151 -12.67 -18.71 27.86
CA THR A 151 -12.04 -19.74 28.69
C THR A 151 -10.93 -19.19 29.58
N SER A 152 -10.43 -17.99 29.31
CA SER A 152 -9.39 -17.38 30.13
C SER A 152 -9.92 -16.40 31.17
N GLY A 153 -11.24 -16.27 31.30
CA GLY A 153 -11.80 -15.38 32.28
C GLY A 153 -11.94 -13.93 31.86
N GLY A 154 -11.42 -13.55 30.70
CA GLY A 154 -11.57 -12.21 30.17
C GLY A 154 -12.57 -12.19 29.03
N ALA A 155 -12.96 -10.98 28.63
CA ALA A 155 -13.92 -10.82 27.54
C ALA A 155 -13.68 -9.45 26.90
N SER A 156 -13.09 -9.45 25.70
CA SER A 156 -12.86 -8.22 24.96
C SER A 156 -13.89 -8.12 23.84
N VAL A 157 -14.66 -7.04 23.84
CA VAL A 157 -15.59 -6.72 22.76
C VAL A 157 -14.89 -5.71 21.86
N VAL A 158 -14.81 -6.01 20.57
CA VAL A 158 -13.98 -5.21 19.66
C VAL A 158 -14.88 -4.52 18.64
N CYS A 159 -14.53 -3.27 18.30
N CYS A 159 -14.57 -3.26 18.34
CA CYS A 159 -15.26 -2.48 17.32
CA CYS A 159 -15.24 -2.53 17.28
C CYS A 159 -14.23 -1.82 16.41
C CYS A 159 -14.18 -1.88 16.40
N PHE A 160 -14.25 -2.16 15.12
CA PHE A 160 -13.37 -1.57 14.12
C PHE A 160 -14.11 -0.45 13.40
N LEU A 161 -13.47 0.71 13.28
CA LEU A 161 -14.01 1.87 12.58
C LEU A 161 -13.00 2.18 11.49
N ASN A 162 -13.26 1.67 10.28
CA ASN A 162 -12.25 1.61 9.23
C ASN A 162 -12.51 2.62 8.13
N ASN A 163 -11.42 3.20 7.63
CA ASN A 163 -11.38 3.97 6.39
C ASN A 163 -12.25 5.23 6.45
N PHE A 164 -12.01 6.05 7.46
CA PHE A 164 -12.75 7.29 7.59
C PHE A 164 -11.80 8.48 7.46
N TYR A 165 -12.40 9.67 7.25
CA TYR A 165 -11.65 10.92 7.19
C TYR A 165 -12.60 12.05 7.51
N PRO A 166 -12.20 13.04 8.33
CA PRO A 166 -10.92 13.22 9.02
C PRO A 166 -10.68 12.31 10.22
N LYS A 167 -9.52 12.47 10.87
CA LYS A 167 -9.10 11.53 11.92
CA LYS A 167 -9.11 11.52 11.91
C LYS A 167 -9.99 11.62 13.15
N ASP A 168 -10.56 12.78 13.42
CA ASP A 168 -11.35 12.96 14.63
C ASP A 168 -12.61 12.11 14.56
N ILE A 169 -12.78 11.23 15.54
CA ILE A 169 -13.93 10.34 15.63
C ILE A 169 -14.19 10.04 17.09
N ASN A 170 -15.42 9.63 17.39
CA ASN A 170 -15.83 9.36 18.77
C ASN A 170 -16.60 8.06 18.83
N VAL A 171 -16.31 7.24 19.83
CA VAL A 171 -16.96 5.95 20.00
CA VAL A 171 -16.95 5.95 20.00
C VAL A 171 -17.59 5.91 21.40
N LYS A 172 -18.83 5.47 21.45
CA LYS A 172 -19.52 5.26 22.72
C LYS A 172 -19.97 3.81 22.81
N TRP A 173 -19.74 3.20 23.97
CA TRP A 173 -20.10 1.81 24.20
C TRP A 173 -21.36 1.75 25.07
N LYS A 174 -22.28 0.86 24.71
CA LYS A 174 -23.49 0.64 25.49
C LYS A 174 -23.61 -0.84 25.81
N ILE A 175 -23.93 -1.13 27.07
CA ILE A 175 -24.19 -2.47 27.57
C ILE A 175 -25.61 -2.49 28.08
N ASP A 176 -26.46 -3.30 27.46
CA ASP A 176 -27.90 -3.32 27.76
C ASP A 176 -28.48 -1.90 27.68
N GLY A 177 -27.96 -1.12 26.73
CA GLY A 177 -28.41 0.25 26.51
C GLY A 177 -27.79 1.30 27.41
N SER A 178 -27.11 0.90 28.49
CA SER A 178 -26.49 1.83 29.42
C SER A 178 -25.05 2.09 29.02
N GLU A 179 -24.64 3.36 29.07
CA GLU A 179 -23.32 3.72 28.57
C GLU A 179 -22.22 3.24 29.52
N ARG A 180 -21.12 2.76 28.93
CA ARG A 180 -20.00 2.22 29.68
C ARG A 180 -18.73 2.94 29.26
N GLN A 181 -18.07 3.59 30.21
CA GLN A 181 -16.84 4.34 29.93
C GLN A 181 -15.57 3.63 30.34
N ASN A 182 -15.52 3.04 31.54
CA ASN A 182 -14.29 2.38 31.99
C ASN A 182 -14.03 1.09 31.21
N GLY A 183 -12.75 0.78 31.05
CA GLY A 183 -12.36 -0.44 30.36
C GLY A 183 -12.27 -0.35 28.85
N VAL A 184 -12.24 0.86 28.29
CA VAL A 184 -12.22 1.07 26.84
C VAL A 184 -10.84 1.55 26.43
N LEU A 185 -10.26 0.90 25.42
CA LEU A 185 -8.99 1.32 24.84
C LEU A 185 -9.16 1.54 23.35
N ASN A 186 -8.76 2.72 22.87
CA ASN A 186 -8.85 3.08 21.47
C ASN A 186 -7.47 3.22 20.87
N SER A 187 -7.30 2.72 19.65
CA SER A 187 -6.04 2.76 18.93
C SER A 187 -6.30 3.25 17.52
N TRP A 188 -5.76 4.41 17.17
CA TRP A 188 -5.87 4.96 15.82
C TRP A 188 -4.65 4.53 15.01
N THR A 189 -4.89 4.22 13.73
CA THR A 189 -3.77 4.08 12.81
C THR A 189 -3.29 5.45 12.38
N ASP A 190 -2.07 5.47 11.83
CA ASP A 190 -1.66 6.64 11.08
C ASP A 190 -2.36 6.65 9.73
N GLN A 191 -2.23 7.78 9.02
CA GLN A 191 -2.92 7.93 7.75
C GLN A 191 -2.52 6.83 6.79
N ASP A 192 -3.51 6.19 6.18
CA ASP A 192 -3.24 5.09 5.25
C ASP A 192 -2.48 5.61 4.04
N SER A 193 -1.35 4.97 3.72
CA SER A 193 -0.51 5.43 2.64
C SER A 193 -1.16 5.24 1.26
N LYS A 194 -2.23 4.46 1.17
CA LYS A 194 -2.85 4.19 -0.12
C LYS A 194 -4.07 5.06 -0.39
N ASP A 195 -5.04 5.11 0.52
CA ASP A 195 -6.25 5.88 0.28
C ASP A 195 -6.40 7.09 1.19
N SER A 196 -5.40 7.37 2.03
CA SER A 196 -5.30 8.56 2.89
C SER A 196 -6.37 8.62 3.97
N THR A 197 -7.01 7.48 4.29
CA THR A 197 -8.00 7.48 5.34
C THR A 197 -7.38 7.07 6.67
N TYR A 198 -8.18 7.11 7.72
CA TYR A 198 -7.79 6.64 9.03
C TYR A 198 -8.70 5.49 9.45
N SER A 199 -8.18 4.68 10.36
CA SER A 199 -8.94 3.59 10.97
C SER A 199 -8.63 3.58 12.45
N MET A 200 -9.54 3.00 13.24
CA MET A 200 -9.34 2.95 14.68
C MET A 200 -10.04 1.72 15.23
N SER A 201 -9.45 1.14 16.26
CA SER A 201 -10.05 0.03 16.99
C SER A 201 -10.43 0.50 18.39
N SER A 202 -11.61 0.10 18.84
CA SER A 202 -12.08 0.37 20.18
C SER A 202 -12.35 -0.97 20.84
N THR A 203 -11.70 -1.22 21.98
CA THR A 203 -11.81 -2.50 22.67
C THR A 203 -12.32 -2.27 24.08
N LEU A 204 -13.48 -2.86 24.38
CA LEU A 204 -14.05 -2.85 25.73
C LEU A 204 -13.68 -4.16 26.41
N THR A 205 -12.92 -4.10 27.49
CA THR A 205 -12.47 -5.31 28.17
C THR A 205 -13.21 -5.46 29.49
N LEU A 206 -13.92 -6.59 29.63
CA LEU A 206 -14.68 -6.96 30.82
C LEU A 206 -14.15 -8.26 31.40
N THR A 207 -14.52 -8.56 32.63
CA THR A 207 -14.36 -9.94 33.06
C THR A 207 -15.39 -10.81 32.36
N LYS A 208 -15.20 -12.12 32.44
CA LYS A 208 -16.17 -13.04 31.84
C LYS A 208 -17.51 -12.99 32.59
N ASP A 209 -17.47 -12.95 33.91
CA ASP A 209 -18.71 -12.87 34.69
C ASP A 209 -19.51 -11.63 34.31
N GLU A 210 -18.84 -10.47 34.30
CA GLU A 210 -19.52 -9.23 33.95
C GLU A 210 -20.07 -9.30 32.53
N TYR A 211 -19.31 -9.86 31.61
CA TYR A 211 -19.78 -9.95 30.23
C TYR A 211 -21.01 -10.83 30.11
N GLU A 212 -21.06 -11.92 30.87
CA GLU A 212 -22.18 -12.85 30.77
C GLU A 212 -23.37 -12.43 31.61
N ARG A 213 -23.24 -11.38 32.40
CA ARG A 213 -24.41 -10.84 33.11
C ARG A 213 -25.31 -9.97 32.21
N HIS A 214 -24.89 -9.65 31.00
CA HIS A 214 -25.63 -8.74 30.14
C HIS A 214 -25.78 -9.33 28.75
N ASN A 215 -26.69 -8.76 27.96
CA ASN A 215 -27.10 -9.33 26.69
C ASN A 215 -26.72 -8.48 25.50
N SER A 216 -27.03 -7.18 25.51
CA SER A 216 -26.84 -6.33 24.34
C SER A 216 -25.55 -5.53 24.47
N TYR A 217 -24.72 -5.58 23.42
CA TYR A 217 -23.47 -4.83 23.36
C TYR A 217 -23.48 -3.99 22.10
N THR A 218 -23.08 -2.72 22.23
CA THR A 218 -23.25 -1.74 21.17
C THR A 218 -22.06 -0.80 21.14
N CYS A 219 -21.52 -0.54 19.95
CA CYS A 219 -20.61 0.59 19.76
C CYS A 219 -21.24 1.54 18.75
N GLU A 220 -21.22 2.83 19.10
CA GLU A 220 -21.80 3.91 18.30
C GLU A 220 -20.67 4.85 17.91
N ALA A 221 -20.50 5.03 16.60
CA ALA A 221 -19.46 5.88 16.05
C ALA A 221 -20.07 7.23 15.65
N THR A 222 -19.58 8.30 16.25
CA THR A 222 -19.95 9.66 15.88
C THR A 222 -18.81 10.28 15.10
N HIS A 223 -19.09 10.63 13.84
CA HIS A 223 -18.13 11.24 12.93
C HIS A 223 -18.79 12.48 12.32
N LYS A 224 -17.95 13.44 11.93
CA LYS A 224 -18.50 14.66 11.33
C LYS A 224 -19.30 14.40 10.06
N THR A 225 -19.11 13.24 9.41
CA THR A 225 -19.81 12.95 8.16
C THR A 225 -21.31 12.73 8.33
N SER A 226 -21.80 12.67 9.56
CA SER A 226 -23.22 12.47 9.78
C SER A 226 -23.58 12.97 11.18
N THR A 227 -24.82 13.46 11.30
CA THR A 227 -25.31 13.91 12.58
C THR A 227 -25.65 12.73 13.49
N SER A 228 -26.27 11.69 12.92
CA SER A 228 -26.60 10.49 13.68
C SER A 228 -25.44 9.50 13.63
N PRO A 229 -25.16 8.82 14.75
CA PRO A 229 -24.03 7.90 14.78
C PRO A 229 -24.32 6.59 14.05
N ILE A 230 -23.25 5.96 13.57
CA ILE A 230 -23.33 4.63 13.01
C ILE A 230 -23.29 3.63 14.17
N VAL A 231 -24.33 2.82 14.28
CA VAL A 231 -24.54 1.98 15.46
C VAL A 231 -24.39 0.53 15.04
N LYS A 232 -23.55 -0.22 15.77
CA LYS A 232 -23.42 -1.65 15.56
C LYS A 232 -23.63 -2.37 16.88
N SER A 233 -24.41 -3.44 16.83
CA SER A 233 -24.84 -4.13 18.05
C SER A 233 -24.84 -5.63 17.83
N PHE A 234 -24.76 -6.34 18.94
CA PHE A 234 -25.06 -7.76 18.94
C PHE A 234 -25.70 -8.11 20.28
N ASN A 235 -26.59 -9.10 20.25
CA ASN A 235 -27.19 -9.63 21.46
C ASN A 235 -26.63 -11.03 21.67
N ARG A 236 -26.08 -11.27 22.86
CA ARG A 236 -25.49 -12.56 23.16
C ARG A 236 -26.53 -13.67 23.25
N ASN A 237 -27.81 -13.35 23.03
CA ASN A 237 -28.92 -14.31 23.07
C ASN A 237 -29.07 -14.96 24.45
N ASP B 20 28.10 3.71 -1.32
CA ASP B 20 27.19 4.68 -0.72
C ASP B 20 27.52 4.89 0.75
N VAL B 21 27.08 6.03 1.27
CA VAL B 21 27.23 6.32 2.70
C VAL B 21 26.32 5.39 3.50
N GLN B 22 26.88 4.78 4.55
CA GLN B 22 26.13 3.88 5.39
C GLN B 22 26.55 4.07 6.84
N LEU B 23 25.54 4.18 7.71
CA LEU B 23 25.69 4.11 9.15
C LEU B 23 24.75 3.02 9.64
N VAL B 24 25.29 1.98 10.29
CA VAL B 24 24.49 0.85 10.74
C VAL B 24 24.69 0.70 12.24
N GLU B 25 23.62 0.91 13.01
CA GLU B 25 23.68 0.82 14.45
C GLU B 25 23.32 -0.59 14.92
N SER B 26 23.88 -1.00 16.05
CA SER B 26 23.61 -2.29 16.65
C SER B 26 23.86 -2.21 18.15
N GLY B 27 23.41 -3.24 18.86
CA GLY B 27 23.60 -3.33 20.29
C GLY B 27 22.35 -3.10 21.10
N GLY B 28 21.26 -2.68 20.48
CA GLY B 28 20.01 -2.53 21.20
C GLY B 28 19.46 -3.87 21.64
N GLY B 29 18.40 -3.79 22.43
CA GLY B 29 17.71 -4.96 22.90
C GLY B 29 17.03 -4.64 24.21
N LEU B 30 16.56 -5.70 24.87
CA LEU B 30 15.89 -5.59 26.15
C LEU B 30 16.93 -5.65 27.27
N VAL B 31 17.01 -4.60 28.09
CA VAL B 31 17.96 -4.53 29.20
CA VAL B 31 17.95 -4.54 29.20
C VAL B 31 17.20 -4.17 30.47
N GLN B 32 17.69 -4.67 31.59
CA GLN B 32 17.10 -4.37 32.88
C GLN B 32 17.45 -2.96 33.32
N PRO B 33 16.56 -2.31 34.08
CA PRO B 33 16.92 -1.03 34.71
C PRO B 33 18.13 -1.22 35.62
N GLY B 34 19.09 -0.31 35.50
CA GLY B 34 20.35 -0.41 36.20
C GLY B 34 21.46 -1.11 35.44
N GLY B 35 21.14 -1.79 34.34
CA GLY B 35 22.12 -2.51 33.57
C GLY B 35 22.96 -1.62 32.66
N SER B 36 23.85 -2.27 31.92
CA SER B 36 24.76 -1.60 31.01
C SER B 36 24.62 -2.21 29.63
N ARG B 37 24.90 -1.40 28.61
CA ARG B 37 24.82 -1.86 27.24
C ARG B 37 25.63 -0.91 26.37
N LYS B 38 26.40 -1.47 25.44
CA LYS B 38 27.22 -0.70 24.52
C LYS B 38 26.57 -0.74 23.14
N LEU B 39 26.30 0.44 22.59
CA LEU B 39 25.82 0.56 21.23
C LEU B 39 26.99 0.81 20.31
N SER B 40 26.92 0.23 19.11
CA SER B 40 27.92 0.41 18.08
C SER B 40 27.25 1.00 16.84
N CYS B 41 28.02 1.78 16.10
CA CYS B 41 27.60 2.33 14.81
C CYS B 41 28.74 2.08 13.84
N SER B 42 28.54 1.19 12.87
CA SER B 42 29.53 0.91 11.85
C SER B 42 29.31 1.85 10.68
N ALA B 43 30.37 2.55 10.29
CA ALA B 43 30.32 3.51 9.20
C ALA B 43 31.06 2.96 7.98
N SER B 44 30.57 3.35 6.80
CA SER B 44 31.22 2.93 5.57
C SER B 44 30.79 3.87 4.45
N GLY B 45 31.65 4.00 3.44
CA GLY B 45 31.31 4.81 2.29
C GLY B 45 31.69 6.26 2.39
N PHE B 46 32.47 6.67 3.40
CA PHE B 46 32.92 8.05 3.54
C PHE B 46 34.10 8.08 4.50
N ALA B 47 34.79 9.21 4.52
CA ALA B 47 35.94 9.37 5.41
C ALA B 47 35.49 9.56 6.85
N PHE B 48 35.31 8.43 7.56
CA PHE B 48 34.69 8.47 8.89
C PHE B 48 35.51 9.30 9.86
N SER B 49 36.84 9.20 9.80
CA SER B 49 37.69 9.90 10.77
C SER B 49 37.58 11.42 10.65
N SER B 50 37.18 11.93 9.48
CA SER B 50 37.07 13.36 9.27
C SER B 50 35.79 13.95 9.86
N PHE B 51 34.86 13.11 10.27
CA PHE B 51 33.55 13.56 10.69
C PHE B 51 33.43 13.52 12.21
N GLY B 52 32.84 14.56 12.76
CA GLY B 52 32.25 14.44 14.08
C GLY B 52 31.04 13.53 14.03
N MET B 53 30.71 12.96 15.18
CA MET B 53 29.62 12.01 15.27
C MET B 53 28.73 12.37 16.46
N HIS B 54 27.42 12.25 16.26
CA HIS B 54 26.43 12.46 17.30
C HIS B 54 25.62 11.18 17.51
N TRP B 55 25.13 11.01 18.73
CA TRP B 55 24.04 10.10 19.02
C TRP B 55 22.81 10.95 19.33
N VAL B 56 21.70 10.63 18.64
CA VAL B 56 20.38 11.25 18.82
C VAL B 56 19.37 10.14 19.05
N ARG B 57 18.49 10.29 20.03
CA ARG B 57 17.56 9.22 20.32
C ARG B 57 16.12 9.71 20.21
N GLN B 58 15.22 8.74 20.11
CA GLN B 58 13.80 8.99 19.93
C GLN B 58 13.03 7.98 20.78
N ALA B 59 12.44 8.46 21.87
CA ALA B 59 11.63 7.58 22.70
C ALA B 59 10.36 7.19 21.95
N PRO B 60 9.76 6.05 22.29
CA PRO B 60 8.58 5.58 21.54
C PRO B 60 7.49 6.63 21.45
N GLU B 61 7.06 6.89 20.21
CA GLU B 61 6.01 7.86 19.87
C GLU B 61 6.35 9.28 20.35
N LYS B 62 7.62 9.59 20.54
CA LYS B 62 8.01 10.94 20.91
C LYS B 62 8.99 11.49 19.87
N GLY B 63 9.57 12.65 20.17
CA GLY B 63 10.41 13.35 19.22
C GLY B 63 11.88 13.02 19.38
N LEU B 64 12.69 13.77 18.63
CA LEU B 64 14.14 13.59 18.66
C LEU B 64 14.77 14.28 19.87
N GLU B 65 15.77 13.62 20.46
CA GLU B 65 16.51 14.15 21.61
C GLU B 65 17.99 13.90 21.39
N TRP B 66 18.78 14.96 21.38
CA TRP B 66 20.23 14.81 21.21
C TRP B 66 20.85 14.21 22.46
N VAL B 67 21.77 13.27 22.27
CA VAL B 67 22.36 12.51 23.35
C VAL B 67 23.82 12.87 23.57
N ALA B 68 24.63 12.81 22.51
CA ALA B 68 26.06 13.01 22.74
C ALA B 68 26.77 13.35 21.44
N TYR B 69 27.97 13.94 21.58
CA TYR B 69 28.80 14.35 20.46
C TYR B 69 30.27 14.07 20.74
N ILE B 70 30.96 13.52 19.74
CA ILE B 70 32.41 13.40 19.77
C ILE B 70 32.97 13.96 18.47
N SER B 71 33.90 14.91 18.58
CA SER B 71 34.42 15.57 17.40
C SER B 71 35.34 14.65 16.61
N SER B 72 35.60 15.06 15.36
CA SER B 72 36.67 14.43 14.60
C SER B 72 37.99 14.59 15.33
N GLY B 73 38.68 13.47 15.55
CA GLY B 73 39.88 13.45 16.34
C GLY B 73 39.67 13.22 17.82
N SER B 74 38.42 13.17 18.29
CA SER B 74 38.07 12.87 19.67
C SER B 74 38.55 13.95 20.65
N GLY B 75 38.81 15.16 20.17
CA GLY B 75 39.29 16.21 21.06
C GLY B 75 38.20 16.94 21.81
N THR B 76 36.95 16.79 21.39
CA THR B 76 35.83 17.47 22.03
C THR B 76 34.68 16.47 22.21
N ILE B 77 34.10 16.47 23.41
CA ILE B 77 32.99 15.56 23.72
C ILE B 77 31.95 16.32 24.52
N TYR B 78 30.70 16.27 24.08
CA TYR B 78 29.57 16.87 24.78
C TYR B 78 28.52 15.81 25.08
N TYR B 79 27.83 15.98 26.20
CA TYR B 79 26.74 15.08 26.60
C TYR B 79 25.51 15.89 26.99
N ALA B 80 24.35 15.33 26.70
CA ALA B 80 23.11 15.90 27.21
C ALA B 80 23.04 15.71 28.73
N ASP B 81 22.31 16.61 29.40
CA ASP B 81 22.24 16.58 30.85
C ASP B 81 21.57 15.31 31.36
N THR B 82 20.73 14.67 30.54
CA THR B 82 20.03 13.48 30.97
C THR B 82 20.92 12.25 31.00
N VAL B 83 22.06 12.27 30.31
CA VAL B 83 22.91 11.09 30.19
C VAL B 83 24.33 11.30 30.69
N LYS B 84 24.73 12.53 30.98
CA LYS B 84 26.10 12.78 31.40
C LYS B 84 26.40 12.03 32.70
N GLY B 85 27.65 11.58 32.83
CA GLY B 85 28.03 10.76 33.96
C GLY B 85 27.64 9.30 33.87
N ARG B 86 26.68 8.96 33.02
CA ARG B 86 26.26 7.59 32.81
C ARG B 86 26.66 7.02 31.46
N PHE B 87 26.70 7.85 30.43
CA PHE B 87 27.01 7.43 29.07
C PHE B 87 28.41 7.92 28.70
N THR B 88 29.09 7.13 27.88
CA THR B 88 30.42 7.46 27.38
C THR B 88 30.44 7.27 25.87
N ILE B 89 30.78 8.33 25.14
CA ILE B 89 30.90 8.25 23.69
C ILE B 89 32.36 8.06 23.32
N SER B 90 32.62 7.23 22.32
CA SER B 90 34.00 7.03 21.89
C SER B 90 33.99 6.57 20.44
N ARG B 91 35.17 6.53 19.82
CA ARG B 91 35.24 6.13 18.43
C ARG B 91 36.53 5.38 18.16
N ASP B 92 36.42 4.36 17.31
CA ASP B 92 37.55 3.61 16.79
C ASP B 92 37.65 3.98 15.31
N ASP B 93 38.51 4.94 15.00
CA ASP B 93 38.66 5.45 13.65
C ASP B 93 39.24 4.40 12.69
N PRO B 94 40.25 3.62 13.09
CA PRO B 94 40.71 2.54 12.19
C PRO B 94 39.63 1.54 11.83
N LYS B 95 38.75 1.20 12.77
CA LYS B 95 37.67 0.27 12.51
C LYS B 95 36.36 0.95 12.11
N ASN B 96 36.37 2.27 11.95
CA ASN B 96 35.21 3.03 11.47
C ASN B 96 33.97 2.77 12.31
N THR B 97 34.14 2.81 13.63
CA THR B 97 33.03 2.48 14.52
C THR B 97 32.87 3.56 15.57
N LEU B 98 31.62 3.92 15.84
CA LEU B 98 31.25 4.83 16.91
C LEU B 98 30.63 4.01 18.03
N PHE B 99 30.89 4.40 19.28
CA PHE B 99 30.41 3.65 20.43
C PHE B 99 29.68 4.57 21.38
N LEU B 100 28.62 4.02 21.98
CA LEU B 100 27.92 4.65 23.11
C LEU B 100 27.82 3.62 24.23
N GLN B 101 28.67 3.73 25.23
CA GLN B 101 28.60 2.86 26.40
C GLN B 101 27.61 3.47 27.38
N MET B 102 26.59 2.69 27.76
CA MET B 102 25.56 3.15 28.66
C MET B 102 25.62 2.32 29.93
N THR B 103 25.54 3.00 31.08
CA THR B 103 25.53 2.36 32.39
C THR B 103 24.36 2.93 33.19
N SER B 104 24.02 2.24 34.28
CA SER B 104 22.92 2.64 35.17
C SER B 104 21.68 3.02 34.36
N LEU B 105 21.28 2.13 33.45
CA LEU B 105 20.20 2.46 32.52
C LEU B 105 18.89 2.66 33.27
N ARG B 106 18.12 3.63 32.81
N ARG B 106 18.12 3.64 32.81
CA ARG B 106 16.82 3.96 33.39
CA ARG B 106 16.82 3.97 33.38
C ARG B 106 15.73 3.77 32.34
C ARG B 106 15.74 3.72 32.34
N SER B 107 14.50 3.65 32.83
CA SER B 107 13.35 3.51 31.94
C SER B 107 13.35 4.57 30.84
N GLU B 108 13.69 5.80 31.19
CA GLU B 108 13.68 6.93 30.27
C GLU B 108 14.73 6.82 29.16
N ASP B 109 15.70 5.91 29.28
CA ASP B 109 16.65 5.69 28.22
C ASP B 109 16.08 4.84 27.09
N THR B 110 14.88 4.30 27.27
CA THR B 110 14.24 3.51 26.23
C THR B 110 14.00 4.36 25.00
N ALA B 111 14.55 3.94 23.87
CA ALA B 111 14.43 4.76 22.66
C ALA B 111 15.08 4.03 21.51
N MET B 112 14.80 4.50 20.30
N MET B 112 14.77 4.49 20.31
CA MET B 112 15.65 4.15 19.17
CA MET B 112 15.62 4.22 19.15
C MET B 112 16.80 5.14 19.12
C MET B 112 16.83 5.15 19.23
N TYR B 113 18.01 4.61 18.95
CA TYR B 113 19.23 5.40 18.97
C TYR B 113 19.76 5.50 17.55
N TYR B 114 19.93 6.73 17.07
CA TYR B 114 20.50 7.03 15.78
C TYR B 114 21.91 7.54 15.96
N CYS B 115 22.77 7.06 15.10
CA CYS B 115 24.10 7.59 14.88
C CYS B 115 24.00 8.60 13.74
N VAL B 116 24.64 9.77 13.89
CA VAL B 116 24.53 10.87 12.93
C VAL B 116 25.92 11.41 12.63
N ARG B 117 26.24 11.56 11.35
CA ARG B 117 27.52 12.13 10.95
C ARG B 117 27.41 13.64 10.81
N SER B 118 28.52 14.32 11.07
CA SER B 118 28.50 15.79 11.08
C SER B 118 29.91 16.32 10.89
N ILE B 119 30.22 16.85 9.71
CA ILE B 119 31.50 17.48 9.45
C ILE B 119 31.36 18.98 9.49
N TYR B 120 32.32 19.65 10.12
CA TYR B 120 32.26 21.08 10.40
C TYR B 120 33.42 21.79 9.68
N TYR B 121 33.12 22.43 8.56
CA TYR B 121 34.04 23.35 7.93
C TYR B 121 33.23 24.43 7.25
N TYR B 122 33.92 25.42 6.68
CA TYR B 122 33.26 26.52 6.01
C TYR B 122 32.40 25.99 4.87
N GLY B 123 31.09 26.20 4.97
CA GLY B 123 30.16 25.76 3.96
C GLY B 123 29.74 24.31 4.04
N SER B 124 30.20 23.56 5.04
CA SER B 124 29.79 22.17 5.16
C SER B 124 28.32 22.08 5.55
N SER B 125 27.76 20.87 5.43
CA SER B 125 26.38 20.59 5.81
C SER B 125 26.39 19.57 6.96
N PRO B 126 26.44 20.03 8.20
CA PRO B 126 26.38 19.10 9.33
C PRO B 126 25.08 18.34 9.38
N PHE B 127 25.10 17.22 10.10
CA PHE B 127 23.90 16.41 10.36
C PHE B 127 23.29 15.85 9.08
N ASP B 128 24.09 15.62 8.05
CA ASP B 128 23.54 15.29 6.75
C ASP B 128 23.28 13.81 6.53
N PHE B 129 23.67 12.93 7.45
CA PHE B 129 23.33 11.52 7.29
C PHE B 129 23.11 10.86 8.65
N TRP B 130 21.96 10.17 8.77
CA TRP B 130 21.55 9.47 9.98
C TRP B 130 21.47 7.97 9.71
N GLY B 131 21.84 7.15 10.70
CA GLY B 131 21.77 5.71 10.53
C GLY B 131 20.34 5.19 10.57
N GLN B 132 20.22 3.86 10.51
N GLN B 132 20.20 3.87 10.50
CA GLN B 132 18.90 3.26 10.57
CA GLN B 132 18.87 3.28 10.55
C GLN B 132 18.35 3.16 11.98
C GLN B 132 18.37 3.06 11.97
N GLY B 133 19.22 3.23 12.98
CA GLY B 133 18.79 3.19 14.36
C GLY B 133 18.81 1.79 14.95
N THR B 134 19.04 1.73 16.25
CA THR B 134 18.91 0.49 17.00
C THR B 134 18.02 0.75 18.21
N THR B 135 17.18 -0.21 18.55
CA THR B 135 16.17 -0.02 19.59
C THR B 135 16.66 -0.52 20.93
N LEU B 136 16.60 0.32 21.95
CA LEU B 136 16.95 -0.04 23.32
C LEU B 136 15.70 0.04 24.17
N THR B 137 15.36 -1.06 24.86
CA THR B 137 14.20 -1.12 25.73
C THR B 137 14.67 -1.43 27.15
N VAL B 138 14.53 -0.46 28.05
CA VAL B 138 14.97 -0.62 29.43
C VAL B 138 13.73 -0.93 30.26
N SER B 139 13.62 -2.17 30.72
CA SER B 139 12.43 -2.63 31.43
C SER B 139 12.75 -3.94 32.15
N SER B 140 12.17 -4.13 33.32
CA SER B 140 12.22 -5.44 33.98
C SER B 140 11.01 -6.29 33.63
N ALA B 141 10.13 -5.81 32.74
CA ALA B 141 9.03 -6.64 32.25
C ALA B 141 9.56 -7.90 31.59
N LYS B 142 8.87 -9.00 31.80
CA LYS B 142 9.32 -10.28 31.27
C LYS B 142 8.82 -10.47 29.85
N THR B 143 9.66 -11.09 29.02
CA THR B 143 9.22 -11.48 27.69
C THR B 143 8.04 -12.44 27.82
N THR B 144 6.94 -12.11 27.15
CA THR B 144 5.67 -12.82 27.28
C THR B 144 5.09 -13.02 25.88
N PRO B 145 4.78 -14.25 25.49
CA PRO B 145 4.15 -14.47 24.20
C PRO B 145 2.71 -13.98 24.22
N PRO B 146 2.12 -13.71 23.05
CA PRO B 146 0.74 -13.20 23.03
C PRO B 146 -0.31 -14.29 23.01
N SER B 147 -1.46 -13.97 23.58
CA SER B 147 -2.68 -14.73 23.33
C SER B 147 -3.32 -14.15 22.06
N VAL B 148 -3.72 -15.03 21.16
CA VAL B 148 -4.33 -14.62 19.90
C VAL B 148 -5.79 -15.06 19.92
N TYR B 149 -6.70 -14.12 19.71
CA TYR B 149 -8.13 -14.36 19.76
C TYR B 149 -8.76 -13.99 18.42
N PRO B 150 -9.54 -14.89 17.81
CA PRO B 150 -10.17 -14.57 16.53
C PRO B 150 -11.32 -13.59 16.73
N LEU B 151 -11.52 -12.74 15.73
CA LEU B 151 -12.62 -11.79 15.71
C LEU B 151 -13.44 -12.13 14.48
N ALA B 152 -14.53 -12.85 14.68
CA ALA B 152 -15.44 -13.28 13.64
C ALA B 152 -16.81 -12.66 13.89
N PRO B 153 -17.58 -12.40 12.84
CA PRO B 153 -18.89 -11.75 13.05
C PRO B 153 -19.80 -12.59 13.93
N GLY B 154 -20.66 -11.90 14.67
CA GLY B 154 -21.60 -12.56 15.55
C GLY B 154 -22.65 -13.38 14.80
N CYS B 155 -23.40 -14.16 15.58
CA CYS B 155 -24.44 -15.03 15.02
C CYS B 155 -25.42 -14.27 14.16
N GLY B 156 -26.01 -13.21 14.71
CA GLY B 156 -27.07 -12.48 14.04
C GLY B 156 -26.58 -11.34 13.17
N ASP B 157 -25.33 -11.41 12.72
CA ASP B 157 -24.78 -10.35 11.88
C ASP B 157 -25.39 -10.36 10.49
N THR B 158 -25.73 -9.17 10.00
CA THR B 158 -26.22 -9.00 8.64
C THR B 158 -25.06 -9.08 7.64
N THR B 159 -25.28 -9.84 6.56
CA THR B 159 -24.25 -10.09 5.56
C THR B 159 -24.33 -9.05 4.45
N GLY B 160 -23.36 -8.13 4.44
CA GLY B 160 -23.18 -7.23 3.32
C GLY B 160 -22.34 -7.85 2.22
N SER B 161 -21.96 -7.02 1.24
CA SER B 161 -21.11 -7.52 0.16
C SER B 161 -19.73 -7.90 0.66
N SER B 162 -19.21 -7.18 1.66
CA SER B 162 -17.91 -7.47 2.23
C SER B 162 -18.07 -7.80 3.70
N VAL B 163 -17.09 -8.54 4.22
CA VAL B 163 -17.06 -8.96 5.61
C VAL B 163 -15.69 -8.64 6.17
N THR B 164 -15.66 -8.10 7.38
CA THR B 164 -14.43 -7.76 8.08
C THR B 164 -14.18 -8.77 9.18
N LEU B 165 -12.95 -9.29 9.22
CA LEU B 165 -12.49 -10.21 10.25
C LEU B 165 -11.32 -9.60 11.00
N GLY B 166 -10.93 -10.23 12.09
CA GLY B 166 -9.81 -9.67 12.83
C GLY B 166 -9.13 -10.68 13.71
N CYS B 167 -8.02 -10.24 14.29
CA CYS B 167 -7.31 -11.00 15.29
C CYS B 167 -6.87 -10.04 16.37
N LEU B 168 -7.20 -10.37 17.60
CA LEU B 168 -6.83 -9.62 18.79
C LEU B 168 -5.61 -10.28 19.39
N VAL B 169 -4.52 -9.54 19.54
CA VAL B 169 -3.25 -10.04 20.03
C VAL B 169 -2.99 -9.36 21.37
N LYS B 170 -3.09 -10.13 22.46
CA LYS B 170 -3.21 -9.58 23.80
C LYS B 170 -2.12 -10.13 24.71
N GLY B 171 -1.59 -9.28 25.58
CA GLY B 171 -0.75 -9.72 26.68
C GLY B 171 0.65 -10.16 26.33
N TYR B 172 1.33 -9.44 25.43
CA TYR B 172 2.68 -9.82 25.03
C TYR B 172 3.69 -8.75 25.41
N PHE B 173 4.97 -9.15 25.40
CA PHE B 173 6.07 -8.25 25.68
C PHE B 173 7.34 -8.91 25.21
N PRO B 174 8.29 -8.18 24.61
CA PRO B 174 8.22 -6.75 24.26
C PRO B 174 7.39 -6.49 22.99
N GLU B 175 7.25 -5.21 22.64
CA GLU B 175 6.35 -4.76 21.58
C GLU B 175 6.97 -5.07 20.22
N SER B 176 6.73 -6.28 19.74
CA SER B 176 7.34 -6.74 18.50
C SER B 176 6.51 -7.87 17.90
N VAL B 177 5.35 -7.56 17.34
CA VAL B 177 4.44 -8.56 16.78
C VAL B 177 4.16 -8.22 15.32
N THR B 178 4.06 -9.26 14.47
CA THR B 178 3.67 -9.13 13.08
C THR B 178 2.46 -9.99 12.82
N VAL B 179 1.41 -9.41 12.23
CA VAL B 179 0.19 -10.15 11.90
C VAL B 179 0.02 -10.13 10.39
N THR B 180 -0.02 -11.31 9.79
CA THR B 180 -0.24 -11.46 8.35
C THR B 180 -1.48 -12.31 8.11
N TRP B 181 -2.10 -12.12 6.95
CA TRP B 181 -3.34 -12.82 6.63
C TRP B 181 -3.13 -13.71 5.42
N ASN B 182 -3.45 -14.99 5.58
CA ASN B 182 -3.26 -16.00 4.53
C ASN B 182 -1.83 -15.97 4.00
N SER B 183 -0.88 -15.92 4.93
CA SER B 183 0.55 -15.91 4.62
C SER B 183 0.92 -14.76 3.69
N GLY B 184 0.22 -13.63 3.80
CA GLY B 184 0.52 -12.46 3.02
C GLY B 184 -0.31 -12.29 1.76
N SER B 185 -1.08 -13.31 1.38
CA SER B 185 -1.91 -13.24 0.18
C SER B 185 -3.01 -12.19 0.31
N LEU B 186 -3.40 -11.85 1.52
CA LEU B 186 -4.33 -10.75 1.78
C LEU B 186 -3.52 -9.64 2.45
N SER B 187 -3.40 -8.50 1.75
CA SER B 187 -2.66 -7.36 2.27
C SER B 187 -3.27 -6.01 1.92
N SER B 188 -4.01 -5.88 0.82
CA SER B 188 -4.49 -4.56 0.40
C SER B 188 -5.51 -3.99 1.37
N SER B 189 -6.34 -4.85 1.97
CA SER B 189 -7.43 -4.41 2.83
C SER B 189 -7.16 -4.69 4.31
N VAL B 190 -5.90 -4.75 4.70
CA VAL B 190 -5.51 -5.06 6.06
C VAL B 190 -5.27 -3.77 6.83
N HIS B 191 -5.71 -3.74 8.08
CA HIS B 191 -5.40 -2.66 9.01
C HIS B 191 -4.66 -3.22 10.21
N THR B 192 -3.51 -2.63 10.53
CA THR B 192 -2.73 -3.00 11.69
C THR B 192 -2.89 -1.91 12.73
N PHE B 193 -3.49 -2.24 13.88
CA PHE B 193 -3.66 -1.13 14.80
C PHE B 193 -2.52 -1.09 15.81
N PRO B 194 -2.01 0.10 16.12
CA PRO B 194 -0.84 0.20 16.98
C PRO B 194 -1.10 -0.38 18.36
N ALA B 195 -0.06 -1.01 18.89
CA ALA B 195 -0.17 -1.63 20.20
C ALA B 195 -0.26 -0.57 21.29
N LEU B 196 -1.01 -0.90 22.34
CA LEU B 196 -1.10 -0.08 23.53
C LEU B 196 -0.77 -0.93 24.74
N LEU B 197 -0.44 -0.27 25.84
CA LEU B 197 -0.17 -0.94 27.10
C LEU B 197 -1.47 -1.14 27.87
N GLN B 198 -1.68 -2.37 28.34
CA GLN B 198 -2.85 -2.79 29.09
C GLN B 198 -2.36 -3.77 30.15
N SER B 199 -2.50 -3.38 31.42
CA SER B 199 -2.06 -4.22 32.54
C SER B 199 -0.59 -4.58 32.43
N GLY B 200 0.23 -3.63 31.99
CA GLY B 200 1.66 -3.82 31.85
C GLY B 200 2.10 -4.67 30.68
N LEU B 201 1.19 -5.10 29.79
CA LEU B 201 1.56 -5.85 28.62
C LEU B 201 0.98 -5.17 27.40
N TYR B 202 1.35 -5.63 26.21
CA TYR B 202 0.89 -4.97 24.99
C TYR B 202 -0.30 -5.70 24.38
N THR B 203 -1.19 -4.90 23.78
CA THR B 203 -2.33 -5.40 23.05
C THR B 203 -2.40 -4.67 21.72
N MET B 204 -2.59 -5.41 20.64
CA MET B 204 -2.88 -4.83 19.34
C MET B 204 -3.95 -5.68 18.67
N SER B 205 -4.42 -5.22 17.52
CA SER B 205 -5.33 -6.02 16.72
C SER B 205 -5.04 -5.77 15.26
N SER B 206 -5.57 -6.67 14.42
CA SER B 206 -5.45 -6.54 12.98
C SER B 206 -6.79 -6.91 12.35
N SER B 207 -7.19 -6.16 11.35
CA SER B 207 -8.43 -6.44 10.64
C SER B 207 -8.14 -6.66 9.17
N VAL B 208 -8.97 -7.48 8.54
CA VAL B 208 -8.89 -7.74 7.10
C VAL B 208 -10.32 -7.75 6.56
N THR B 209 -10.51 -7.24 5.36
CA THR B 209 -11.83 -7.19 4.75
C THR B 209 -11.80 -7.92 3.43
N VAL B 210 -12.72 -8.87 3.26
CA VAL B 210 -12.76 -9.71 2.07
C VAL B 210 -14.22 -9.75 1.57
N PRO B 211 -14.42 -10.07 0.29
CA PRO B 211 -15.80 -10.25 -0.18
C PRO B 211 -16.49 -11.36 0.62
N SER B 212 -17.77 -11.13 0.92
CA SER B 212 -18.49 -12.11 1.73
C SER B 212 -18.71 -13.44 0.99
N SER B 213 -18.53 -13.46 -0.33
CA SER B 213 -18.61 -14.69 -1.10
C SER B 213 -17.34 -15.54 -0.98
N THR B 214 -16.27 -15.00 -0.41
CA THR B 214 -15.02 -15.73 -0.25
C THR B 214 -14.82 -16.27 1.16
N TRP B 215 -15.52 -15.72 2.15
CA TRP B 215 -15.47 -16.24 3.51
C TRP B 215 -16.88 -16.36 4.04
N PRO B 216 -17.23 -17.47 4.70
CA PRO B 216 -16.35 -18.59 5.10
C PRO B 216 -16.09 -19.63 4.02
N SER B 217 -16.47 -19.33 2.78
CA SER B 217 -16.32 -20.29 1.70
C SER B 217 -14.87 -20.75 1.56
N GLN B 218 -13.93 -19.83 1.71
CA GLN B 218 -12.51 -20.13 1.68
C GLN B 218 -11.89 -19.68 2.99
N THR B 219 -10.74 -20.25 3.32
CA THR B 219 -10.20 -20.09 4.66
C THR B 219 -9.41 -18.78 4.75
N VAL B 220 -9.65 -18.06 5.84
CA VAL B 220 -8.91 -16.86 6.19
C VAL B 220 -8.23 -17.16 7.52
N THR B 221 -6.90 -17.02 7.54
CA THR B 221 -6.08 -17.35 8.69
C THR B 221 -5.20 -16.15 9.03
N CYS B 222 -5.12 -15.80 10.30
CA CYS B 222 -4.16 -14.79 10.73
C CYS B 222 -2.97 -15.48 11.36
N SER B 223 -1.78 -15.07 10.97
CA SER B 223 -0.52 -15.58 11.50
C SER B 223 0.14 -14.47 12.30
N VAL B 224 0.38 -14.73 13.59
CA VAL B 224 0.95 -13.77 14.52
C VAL B 224 2.34 -14.26 14.89
N ALA B 225 3.36 -13.49 14.52
CA ALA B 225 4.75 -13.79 14.81
C ALA B 225 5.23 -12.87 15.92
N HIS B 226 5.74 -13.47 17.00
CA HIS B 226 6.35 -12.74 18.12
C HIS B 226 7.76 -13.29 18.27
N PRO B 227 8.73 -12.74 17.53
CA PRO B 227 10.09 -13.30 17.55
C PRO B 227 10.75 -13.24 18.91
N ALA B 228 10.42 -12.25 19.73
CA ALA B 228 11.08 -12.14 21.03
C ALA B 228 10.83 -13.37 21.88
N SER B 229 9.62 -13.94 21.81
CA SER B 229 9.32 -15.18 22.52
C SER B 229 9.45 -16.40 21.62
N SER B 230 9.98 -16.22 20.41
CA SER B 230 10.13 -17.32 19.45
C SER B 230 8.82 -18.06 19.25
N THR B 231 7.73 -17.29 19.10
CA THR B 231 6.39 -17.86 19.01
C THR B 231 5.74 -17.44 17.71
N THR B 232 5.02 -18.37 17.08
CA THR B 232 4.14 -18.07 15.98
C THR B 232 2.82 -18.78 16.23
N VAL B 233 1.72 -18.06 16.11
CA VAL B 233 0.38 -18.60 16.32
C VAL B 233 -0.44 -18.35 15.07
N ASP B 234 -1.02 -19.41 14.52
CA ASP B 234 -1.93 -19.31 13.39
C ASP B 234 -3.35 -19.55 13.87
N LYS B 235 -4.25 -18.61 13.57
CA LYS B 235 -5.67 -18.71 13.93
C LYS B 235 -6.50 -18.74 12.66
N LYS B 236 -7.18 -19.84 12.41
CA LYS B 236 -8.11 -19.91 11.29
C LYS B 236 -9.46 -19.35 11.73
N LEU B 237 -9.97 -18.38 10.99
CA LEU B 237 -11.24 -17.74 11.34
C LEU B 237 -12.40 -18.66 10.99
N GLU B 238 -13.29 -18.92 11.97
CA GLU B 238 -14.45 -19.77 11.82
C GLU B 238 -15.73 -18.96 11.92
N PRO B 239 -16.73 -19.27 11.09
CA PRO B 239 -18.01 -18.54 11.17
C PRO B 239 -18.81 -18.94 12.40
N SER B 240 -19.65 -18.01 12.85
CA SER B 240 -20.52 -18.26 14.00
C SER B 240 -21.93 -18.60 13.52
N ASP C 21 -23.07 -0.90 -36.20
CA ASP C 21 -23.22 -0.54 -34.80
C ASP C 21 -22.68 0.86 -34.55
N ILE C 22 -23.04 1.45 -33.42
CA ILE C 22 -22.53 2.77 -33.05
C ILE C 22 -21.13 2.63 -32.47
N VAL C 23 -20.20 3.44 -32.97
CA VAL C 23 -18.82 3.40 -32.52
C VAL C 23 -18.59 4.54 -31.54
N MET C 24 -18.06 4.20 -30.36
CA MET C 24 -17.69 5.18 -29.33
C MET C 24 -16.18 5.32 -29.31
N THR C 25 -15.72 6.57 -29.36
CA THR C 25 -14.30 6.90 -29.49
C THR C 25 -13.87 7.69 -28.27
N GLN C 26 -12.86 7.19 -27.55
CA GLN C 26 -12.25 7.88 -26.42
C GLN C 26 -10.74 7.89 -26.61
N ALA C 27 -10.09 8.93 -26.08
CA ALA C 27 -8.64 8.90 -25.95
C ALA C 27 -8.21 7.81 -24.98
N THR C 28 -7.07 7.19 -25.27
CA THR C 28 -6.62 6.05 -24.48
C THR C 28 -6.22 6.46 -23.07
N SER C 29 -5.37 7.48 -22.95
CA SER C 29 -4.93 7.94 -21.65
C SER C 29 -5.25 9.42 -21.50
N SER C 30 -5.52 9.82 -20.26
CA SER C 30 -5.76 11.21 -19.92
C SER C 30 -4.51 11.80 -19.32
N VAL C 31 -4.24 13.05 -19.66
CA VAL C 31 -3.10 13.80 -19.12
C VAL C 31 -3.17 13.73 -17.60
N PRO C 32 -2.13 13.22 -16.94
CA PRO C 32 -2.16 13.12 -15.48
C PRO C 32 -2.40 14.48 -14.86
N VAL C 33 -3.24 14.51 -13.84
CA VAL C 33 -3.55 15.77 -13.18
C VAL C 33 -3.49 15.58 -11.68
N THR C 34 -3.16 16.65 -10.98
CA THR C 34 -2.89 16.65 -9.56
C THR C 34 -4.20 16.55 -8.77
N PRO C 35 -4.20 15.82 -7.64
CA PRO C 35 -5.39 15.81 -6.78
C PRO C 35 -5.80 17.22 -6.41
N GLY C 36 -7.10 17.49 -6.53
CA GLY C 36 -7.65 18.80 -6.29
C GLY C 36 -7.83 19.64 -7.54
N GLU C 37 -7.25 19.23 -8.67
CA GLU C 37 -7.42 19.92 -9.93
C GLU C 37 -8.61 19.34 -10.68
N SER C 38 -8.98 20.00 -11.79
CA SER C 38 -10.08 19.57 -12.62
C SER C 38 -9.59 18.75 -13.80
N VAL C 39 -10.46 17.89 -14.30
CA VAL C 39 -10.13 17.04 -15.44
C VAL C 39 -11.40 16.81 -16.24
N SER C 40 -11.23 16.66 -17.56
CA SER C 40 -12.34 16.40 -18.46
C SER C 40 -12.06 15.18 -19.32
N ILE C 41 -12.99 14.22 -19.29
CA ILE C 41 -12.93 13.01 -20.10
C ILE C 41 -13.82 13.26 -21.32
N SER C 42 -13.29 13.02 -22.51
N SER C 42 -13.29 13.02 -22.52
CA SER C 42 -14.04 13.22 -23.75
CA SER C 42 -14.04 13.24 -23.74
C SER C 42 -14.42 11.88 -24.36
C SER C 42 -14.41 11.91 -24.40
N CYS C 43 -15.60 11.86 -24.98
CA CYS C 43 -16.09 10.69 -25.68
C CYS C 43 -16.89 11.19 -26.88
N ARG C 44 -16.85 10.44 -27.97
CA ARG C 44 -17.67 10.82 -29.12
C ARG C 44 -18.27 9.57 -29.76
N SER C 45 -19.38 9.78 -30.46
CA SER C 45 -20.12 8.69 -31.08
C SER C 45 -20.16 8.89 -32.58
N SER C 46 -20.15 7.78 -33.31
CA SER C 46 -20.27 7.81 -34.77
C SER C 46 -21.67 8.22 -35.23
N LYS C 47 -22.63 8.26 -34.33
CA LYS C 47 -24.00 8.65 -34.66
C LYS C 47 -24.58 9.38 -33.46
N SER C 48 -25.47 10.34 -33.74
CA SER C 48 -26.06 11.13 -32.67
C SER C 48 -26.82 10.25 -31.70
N LEU C 49 -26.58 10.45 -30.41
CA LEU C 49 -27.29 9.75 -29.35
C LEU C 49 -28.48 10.54 -28.82
N LEU C 50 -28.72 11.72 -29.37
CA LEU C 50 -29.91 12.50 -29.05
C LEU C 50 -31.14 11.84 -29.68
N HIS C 51 -32.03 11.34 -28.83
CA HIS C 51 -33.29 10.76 -29.31
C HIS C 51 -34.34 11.86 -29.47
N SER C 52 -35.37 11.54 -30.26
CA SER C 52 -36.49 12.47 -30.45
C SER C 52 -37.24 12.76 -29.14
N ASN C 53 -37.15 11.88 -28.15
CA ASN C 53 -37.86 12.09 -26.89
C ASN C 53 -37.17 13.09 -25.99
N GLY C 54 -36.08 13.71 -26.45
CA GLY C 54 -35.37 14.72 -25.70
C GLY C 54 -34.18 14.21 -24.91
N ASN C 55 -34.06 12.90 -24.73
CA ASN C 55 -32.94 12.34 -23.99
C ASN C 55 -31.78 12.04 -24.92
N THR C 56 -30.57 12.19 -24.38
CA THR C 56 -29.34 11.75 -25.02
C THR C 56 -28.82 10.55 -24.23
N TYR C 57 -28.78 9.39 -24.88
CA TYR C 57 -28.55 8.12 -24.18
C TYR C 57 -27.05 7.82 -24.11
N LEU C 58 -26.38 8.51 -23.19
CA LEU C 58 -24.96 8.39 -22.96
C LEU C 58 -24.73 8.08 -21.49
N TYR C 59 -23.86 7.11 -21.21
CA TYR C 59 -23.60 6.63 -19.86
C TYR C 59 -22.12 6.71 -19.58
N TRP C 60 -21.79 7.06 -18.34
CA TRP C 60 -20.42 7.10 -17.86
C TRP C 60 -20.27 6.14 -16.68
N PHE C 61 -19.26 5.27 -16.78
CA PHE C 61 -18.87 4.33 -15.74
C PHE C 61 -17.41 4.56 -15.34
N LEU C 62 -17.12 4.31 -14.07
CA LEU C 62 -15.75 4.31 -13.56
C LEU C 62 -15.43 2.92 -13.07
N GLN C 63 -14.28 2.40 -13.50
CA GLN C 63 -13.74 1.14 -12.99
C GLN C 63 -12.42 1.45 -12.29
N ARG C 64 -12.44 1.45 -10.95
CA ARG C 64 -11.22 1.63 -10.19
C ARG C 64 -10.40 0.34 -10.24
N PRO C 65 -9.07 0.43 -10.06
CA PRO C 65 -8.22 -0.74 -10.28
C PRO C 65 -8.67 -1.95 -9.46
N GLY C 66 -8.85 -3.08 -10.14
CA GLY C 66 -9.26 -4.30 -9.49
C GLY C 66 -10.68 -4.32 -9.00
N GLN C 67 -11.51 -3.37 -9.39
N GLN C 67 -11.50 -3.35 -9.37
CA GLN C 67 -12.89 -3.33 -8.95
CA GLN C 67 -12.89 -3.28 -8.95
C GLN C 67 -13.83 -3.44 -10.15
C GLN C 67 -13.82 -3.50 -10.15
N SER C 68 -15.10 -3.68 -9.84
CA SER C 68 -16.11 -3.77 -10.88
C SER C 68 -16.48 -2.36 -11.33
N PRO C 69 -16.97 -2.20 -12.55
CA PRO C 69 -17.45 -0.87 -12.97
C PRO C 69 -18.56 -0.39 -12.07
N GLN C 70 -18.61 0.93 -11.89
CA GLN C 70 -19.70 1.54 -11.15
C GLN C 70 -20.26 2.70 -11.97
N LEU C 71 -21.57 2.86 -11.91
CA LEU C 71 -22.24 3.91 -12.66
C LEU C 71 -21.88 5.28 -12.10
N LEU C 72 -21.56 6.21 -12.98
CA LEU C 72 -21.39 7.62 -12.60
C LEU C 72 -22.50 8.49 -13.15
N ILE C 73 -22.75 8.41 -14.45
CA ILE C 73 -23.71 9.30 -15.11
C ILE C 73 -24.61 8.46 -16.00
N TYR C 74 -25.91 8.73 -15.95
CA TYR C 74 -26.87 8.08 -16.84
C TYR C 74 -27.58 9.14 -17.68
N ARG C 75 -27.81 8.82 -18.95
CA ARG C 75 -28.44 9.72 -19.91
C ARG C 75 -27.75 11.08 -19.94
N MET C 76 -26.42 11.04 -20.13
CA MET C 76 -25.57 12.19 -20.43
C MET C 76 -25.28 13.09 -19.23
N SER C 77 -26.29 13.44 -18.44
CA SER C 77 -26.12 14.48 -17.43
C SER C 77 -26.60 14.13 -16.03
N ASN C 78 -27.31 13.02 -15.84
CA ASN C 78 -27.86 12.70 -14.53
C ASN C 78 -26.83 12.00 -13.66
N LEU C 79 -26.71 12.45 -12.42
CA LEU C 79 -25.73 11.88 -11.49
C LEU C 79 -26.33 10.65 -10.80
N ALA C 80 -25.56 9.58 -10.75
CA ALA C 80 -26.04 8.36 -10.14
C ALA C 80 -26.08 8.51 -8.62
N SER C 81 -26.95 7.73 -7.99
CA SER C 81 -27.11 7.81 -6.55
C SER C 81 -25.81 7.42 -5.85
N GLY C 82 -25.38 8.23 -4.90
CA GLY C 82 -24.14 8.00 -4.19
C GLY C 82 -22.89 8.58 -4.83
N VAL C 83 -22.99 9.18 -6.01
CA VAL C 83 -21.84 9.77 -6.67
C VAL C 83 -21.72 11.24 -6.27
N PRO C 84 -20.55 11.69 -5.86
CA PRO C 84 -20.40 13.10 -5.45
C PRO C 84 -20.58 14.06 -6.63
N ASP C 85 -21.14 15.23 -6.32
CA ASP C 85 -21.28 16.31 -7.30
C ASP C 85 -19.98 16.88 -7.88
N ARG C 86 -18.79 16.43 -7.43
CA ARG C 86 -17.58 16.79 -8.16
C ARG C 86 -17.55 16.18 -9.56
N PHE C 87 -18.34 15.14 -9.80
CA PHE C 87 -18.58 14.59 -11.13
C PHE C 87 -19.76 15.28 -11.78
N SER C 88 -19.65 15.55 -13.08
CA SER C 88 -20.80 16.02 -13.85
C SER C 88 -20.62 15.60 -15.30
N GLY C 89 -21.74 15.46 -16.00
CA GLY C 89 -21.73 15.09 -17.41
C GLY C 89 -22.43 16.14 -18.27
N SER C 90 -21.87 16.37 -19.46
CA SER C 90 -22.46 17.29 -20.43
C SER C 90 -22.12 16.81 -21.82
N GLY C 91 -22.65 17.50 -22.82
CA GLY C 91 -22.31 17.17 -24.19
C GLY C 91 -23.41 17.57 -25.14
N SER C 92 -23.17 17.22 -26.41
CA SER C 92 -24.10 17.49 -27.48
C SER C 92 -24.63 16.18 -28.07
N GLY C 93 -24.88 16.16 -29.38
CA GLY C 93 -25.41 14.94 -29.97
C GLY C 93 -24.35 13.85 -30.11
N THR C 94 -23.14 14.22 -30.52
CA THR C 94 -22.10 13.23 -30.78
C THR C 94 -20.83 13.44 -29.97
N ALA C 95 -20.77 14.45 -29.10
CA ALA C 95 -19.57 14.72 -28.32
C ALA C 95 -19.97 14.95 -26.87
N PHE C 96 -19.26 14.30 -25.94
CA PHE C 96 -19.65 14.26 -24.55
C PHE C 96 -18.43 14.44 -23.66
N THR C 97 -18.64 15.06 -22.51
CA THR C 97 -17.57 15.34 -21.57
CA THR C 97 -17.57 15.34 -21.57
C THR C 97 -18.04 14.99 -20.17
N LEU C 98 -17.20 14.25 -19.45
CA LEU C 98 -17.36 14.01 -18.02
C LEU C 98 -16.32 14.85 -17.31
N THR C 99 -16.76 15.72 -16.42
CA THR C 99 -15.86 16.65 -15.75
C THR C 99 -15.79 16.30 -14.27
N ILE C 100 -14.58 16.26 -13.75
CA ILE C 100 -14.32 16.14 -12.32
C ILE C 100 -13.74 17.48 -11.87
N SER C 101 -14.47 18.17 -11.00
CA SER C 101 -14.09 19.51 -10.59
C SER C 101 -12.83 19.48 -9.73
N ARG C 102 -12.86 18.73 -8.63
CA ARG C 102 -11.68 18.55 -7.78
C ARG C 102 -11.37 17.06 -7.73
N LEU C 103 -10.25 16.67 -8.30
CA LEU C 103 -9.93 15.25 -8.38
C LEU C 103 -9.54 14.74 -6.99
N GLU C 104 -10.15 13.62 -6.61
CA GLU C 104 -9.79 12.91 -5.40
C GLU C 104 -9.00 11.66 -5.78
N ALA C 105 -7.99 11.35 -4.97
CA ALA C 105 -7.09 10.25 -5.34
C ALA C 105 -7.86 8.96 -5.62
N GLU C 106 -8.99 8.75 -4.96
CA GLU C 106 -9.78 7.55 -5.20
C GLU C 106 -10.48 7.55 -6.56
N ASP C 107 -10.43 8.66 -7.30
CA ASP C 107 -11.07 8.72 -8.62
C ASP C 107 -10.19 8.14 -9.72
N VAL C 108 -8.99 7.67 -9.40
CA VAL C 108 -8.11 7.06 -10.38
C VAL C 108 -8.76 5.79 -10.91
N GLY C 109 -8.60 5.53 -12.19
CA GLY C 109 -9.17 4.34 -12.78
C GLY C 109 -9.47 4.59 -14.23
N VAL C 110 -10.28 3.70 -14.81
CA VAL C 110 -10.64 3.79 -16.23
C VAL C 110 -12.07 4.24 -16.35
N TYR C 111 -12.30 5.26 -17.18
CA TYR C 111 -13.62 5.83 -17.40
C TYR C 111 -14.13 5.37 -18.76
N TYR C 112 -15.29 4.69 -18.76
CA TYR C 112 -15.90 4.16 -19.96
C TYR C 112 -17.18 4.92 -20.26
N CYS C 113 -17.31 5.41 -21.50
CA CYS C 113 -18.60 5.85 -21.96
C CYS C 113 -19.29 4.70 -22.67
N MET C 114 -20.63 4.75 -22.69
CA MET C 114 -21.44 3.71 -23.29
C MET C 114 -22.69 4.36 -23.87
N GLN C 115 -23.08 3.95 -25.08
CA GLN C 115 -24.35 4.42 -25.63
C GLN C 115 -25.44 3.42 -25.29
N HIS C 116 -26.61 3.93 -24.95
CA HIS C 116 -27.79 3.11 -24.72
C HIS C 116 -28.90 3.45 -25.71
N LEU C 117 -28.55 4.04 -26.86
CA LEU C 117 -29.56 4.39 -27.85
C LEU C 117 -30.06 3.16 -28.58
N GLU C 118 -29.16 2.31 -29.05
CA GLU C 118 -29.52 1.15 -29.87
C GLU C 118 -28.77 -0.09 -29.40
N TYR C 119 -29.38 -1.25 -29.64
CA TYR C 119 -28.62 -2.47 -29.41
C TYR C 119 -27.87 -2.86 -30.68
N PRO C 120 -26.65 -3.39 -30.58
CA PRO C 120 -25.94 -3.68 -29.33
C PRO C 120 -25.46 -2.45 -28.60
N LEU C 121 -25.54 -2.47 -27.28
CA LEU C 121 -24.92 -1.42 -26.49
C LEU C 121 -23.42 -1.47 -26.68
N THR C 122 -22.80 -0.30 -26.88
CA THR C 122 -21.38 -0.24 -27.19
C THR C 122 -20.68 0.75 -26.27
N PHE C 123 -19.45 0.42 -25.92
CA PHE C 123 -18.65 1.22 -25.00
C PHE C 123 -17.51 1.89 -25.76
N GLY C 124 -17.03 3.00 -25.22
CA GLY C 124 -15.74 3.52 -25.61
C GLY C 124 -14.64 2.59 -25.12
N ALA C 125 -13.44 2.79 -25.65
CA ALA C 125 -12.31 1.96 -25.26
C ALA C 125 -11.85 2.23 -23.83
N GLY C 126 -12.22 3.37 -23.26
CA GLY C 126 -11.82 3.71 -21.92
C GLY C 126 -10.70 4.71 -21.85
N THR C 127 -10.80 5.69 -20.95
CA THR C 127 -9.75 6.67 -20.72
C THR C 127 -9.21 6.44 -19.32
N LYS C 128 -7.93 6.10 -19.22
CA LYS C 128 -7.30 5.83 -17.93
C LYS C 128 -6.84 7.12 -17.30
N LEU C 129 -7.29 7.36 -16.08
CA LEU C 129 -6.93 8.55 -15.31
C LEU C 129 -6.02 8.11 -14.18
N GLU C 130 -4.87 8.76 -14.10
CA GLU C 130 -3.82 8.51 -13.13
C GLU C 130 -3.36 9.83 -12.53
N LEU C 131 -2.63 9.76 -11.42
CA LEU C 131 -2.22 10.94 -10.69
C LEU C 131 -0.91 11.51 -11.23
N LYS C 132 -0.81 12.83 -11.24
CA LYS C 132 0.43 13.51 -11.56
C LYS C 132 1.27 13.68 -10.30
N ARG C 133 2.59 13.59 -10.47
CA ARG C 133 3.52 13.83 -9.38
C ARG C 133 4.84 14.36 -9.95
N ALA C 134 5.77 14.69 -9.06
CA ALA C 134 7.07 15.18 -9.48
C ALA C 134 7.85 14.08 -10.19
N ASP C 135 8.66 14.49 -11.18
CA ASP C 135 9.49 13.54 -11.90
C ASP C 135 10.41 12.80 -10.94
N ALA C 136 10.73 11.55 -11.27
CA ALA C 136 11.56 10.73 -10.42
C ALA C 136 12.37 9.77 -11.28
N ALA C 137 13.67 9.69 -11.00
CA ALA C 137 14.55 8.79 -11.74
C ALA C 137 14.37 7.35 -11.26
N PRO C 138 14.55 6.37 -12.14
CA PRO C 138 14.38 4.97 -11.74
C PRO C 138 15.57 4.45 -10.95
N THR C 139 15.28 3.58 -10.00
CA THR C 139 16.30 2.79 -9.34
C THR C 139 16.49 1.50 -10.15
N VAL C 140 17.68 1.33 -10.72
CA VAL C 140 17.94 0.26 -11.68
C VAL C 140 18.78 -0.82 -11.02
N SER C 141 18.33 -2.06 -11.15
CA SER C 141 19.04 -3.23 -10.63
C SER C 141 19.13 -4.28 -11.73
N ILE C 142 20.30 -4.90 -11.86
CA ILE C 142 20.53 -5.93 -12.86
C ILE C 142 20.77 -7.26 -12.15
N PHE C 143 20.28 -8.34 -12.74
CA PHE C 143 20.39 -9.68 -12.18
C PHE C 143 20.78 -10.67 -13.27
N PRO C 144 21.87 -11.40 -13.08
CA PRO C 144 22.26 -12.43 -14.03
C PRO C 144 21.34 -13.64 -13.94
N PRO C 145 21.35 -14.51 -14.95
CA PRO C 145 20.56 -15.73 -14.85
C PRO C 145 20.99 -16.57 -13.66
N SER C 146 20.01 -17.14 -12.97
CA SER C 146 20.32 -18.06 -11.88
C SER C 146 20.90 -19.35 -12.44
N SER C 147 21.82 -19.95 -11.67
CA SER C 147 22.37 -21.24 -12.06
C SER C 147 21.28 -22.30 -12.24
N GLU C 148 20.22 -22.23 -11.43
CA GLU C 148 19.11 -23.16 -11.59
C GLU C 148 18.47 -23.01 -12.95
N GLN C 149 18.28 -21.79 -13.43
CA GLN C 149 17.72 -21.61 -14.76
C GLN C 149 18.67 -22.15 -15.82
N LEU C 150 19.98 -21.95 -15.63
CA LEU C 150 20.94 -22.43 -16.61
C LEU C 150 20.93 -23.96 -16.69
N THR C 151 20.66 -24.66 -15.59
CA THR C 151 20.52 -26.11 -15.70
C THR C 151 19.35 -26.53 -16.58
N SER C 152 18.44 -25.61 -16.91
CA SER C 152 17.32 -25.91 -17.79
C SER C 152 17.57 -25.49 -19.23
N GLY C 153 18.77 -24.99 -19.55
CA GLY C 153 19.11 -24.59 -20.90
C GLY C 153 18.72 -23.18 -21.29
N GLY C 154 17.98 -22.46 -20.44
CA GLY C 154 17.64 -21.08 -20.68
C GLY C 154 18.47 -20.14 -19.83
N ALA C 155 18.38 -18.85 -20.16
CA ALA C 155 19.13 -17.83 -19.42
C ALA C 155 18.39 -16.51 -19.53
N SER C 156 17.75 -16.07 -18.45
CA SER C 156 17.05 -14.79 -18.43
C SER C 156 17.88 -13.79 -17.63
N VAL C 157 18.22 -12.66 -18.26
CA VAL C 157 18.88 -11.55 -17.59
C VAL C 157 17.80 -10.52 -17.27
N VAL C 158 17.69 -10.13 -16.01
CA VAL C 158 16.57 -9.31 -15.56
C VAL C 158 17.08 -7.94 -15.13
N CYS C 159 16.34 -6.90 -15.48
N CYS C 159 16.31 -6.90 -15.45
CA CYS C 159 16.64 -5.55 -15.04
CA CYS C 159 16.64 -5.53 -15.10
C CYS C 159 15.36 -4.93 -14.51
C CYS C 159 15.37 -4.88 -14.54
N PHE C 160 15.40 -4.51 -13.26
CA PHE C 160 14.28 -3.82 -12.62
C PHE C 160 14.54 -2.33 -12.67
N LEU C 161 13.53 -1.57 -13.08
CA LEU C 161 13.56 -0.11 -13.14
C LEU C 161 12.42 0.35 -12.24
N ASN C 162 12.71 0.67 -10.99
CA ASN C 162 11.69 0.82 -9.97
C ASN C 162 11.50 2.29 -9.59
N ASN C 163 10.23 2.65 -9.36
CA ASN C 163 9.83 3.91 -8.71
C ASN C 163 10.25 5.13 -9.51
N PHE C 164 9.83 5.18 -10.78
CA PHE C 164 10.13 6.32 -11.62
C PHE C 164 8.83 7.03 -12.03
N TYR C 165 8.99 8.26 -12.52
CA TYR C 165 7.87 9.04 -13.03
C TYR C 165 8.42 10.08 -13.99
N PRO C 166 7.80 10.30 -15.16
CA PRO C 166 6.57 9.67 -15.68
C PRO C 166 6.76 8.24 -16.18
N LYS C 167 5.68 7.66 -16.74
N LYS C 167 5.70 7.65 -16.74
CA LYS C 167 5.70 6.25 -17.12
CA LYS C 167 5.73 6.24 -17.09
C LYS C 167 6.60 6.00 -18.31
C LYS C 167 6.53 5.96 -18.36
N ASP C 168 6.72 6.96 -19.23
CA ASP C 168 7.58 6.78 -20.39
C ASP C 168 9.01 6.54 -19.93
N ILE C 169 9.57 5.38 -20.30
CA ILE C 169 10.94 4.99 -19.97
C ILE C 169 11.41 4.10 -21.11
N ASN C 170 12.74 4.02 -21.31
CA ASN C 170 13.21 3.27 -22.46
C ASN C 170 14.42 2.47 -22.03
N VAL C 171 14.46 1.20 -22.38
CA VAL C 171 15.53 0.30 -21.93
C VAL C 171 16.27 -0.23 -23.15
N LYS C 172 17.60 -0.16 -23.10
CA LYS C 172 18.46 -0.72 -24.13
C LYS C 172 19.36 -1.78 -23.50
N TRP C 173 19.45 -2.93 -24.16
CA TRP C 173 20.30 -4.03 -23.70
C TRP C 173 21.55 -4.12 -24.55
N LYS C 174 22.69 -4.30 -23.90
CA LYS C 174 23.96 -4.47 -24.59
C LYS C 174 24.67 -5.71 -24.05
N ILE C 175 25.21 -6.50 -24.97
CA ILE C 175 25.99 -7.69 -24.68
C ILE C 175 27.38 -7.47 -25.25
N ASP C 176 28.38 -7.41 -24.38
CA ASP C 176 29.76 -7.09 -24.77
C ASP C 176 29.80 -5.80 -25.59
N GLY C 177 28.96 -4.84 -25.20
CA GLY C 177 28.89 -3.56 -25.87
C GLY C 177 27.99 -3.49 -27.09
N SER C 178 27.54 -4.63 -27.63
CA SER C 178 26.70 -4.63 -28.82
C SER C 178 25.23 -4.67 -28.44
N GLU C 179 24.42 -3.83 -29.10
CA GLU C 179 23.03 -3.69 -28.74
C GLU C 179 22.23 -4.91 -29.21
N ARG C 180 21.24 -5.31 -28.39
CA ARG C 180 20.44 -6.50 -28.63
C ARG C 180 18.95 -6.15 -28.57
N GLN C 181 18.22 -6.44 -29.66
CA GLN C 181 16.79 -6.17 -29.72
C GLN C 181 15.92 -7.38 -29.43
N ASN C 182 16.16 -8.49 -30.11
CA ASN C 182 15.29 -9.65 -30.00
C ASN C 182 15.50 -10.35 -28.65
N GLY C 183 14.41 -10.93 -28.13
CA GLY C 183 14.45 -11.63 -26.87
C GLY C 183 14.24 -10.77 -25.65
N VAL C 184 13.74 -9.54 -25.81
CA VAL C 184 13.53 -8.63 -24.70
C VAL C 184 12.04 -8.46 -24.48
N LEU C 185 11.60 -8.66 -23.24
CA LEU C 185 10.20 -8.47 -22.85
C LEU C 185 10.13 -7.51 -21.67
N ASN C 186 9.32 -6.47 -21.83
CA ASN C 186 9.15 -5.43 -20.81
C ASN C 186 7.74 -5.50 -20.24
N SER C 187 7.63 -5.35 -18.92
CA SER C 187 6.35 -5.37 -18.21
C SER C 187 6.31 -4.18 -17.27
N TRP C 188 5.38 -3.25 -17.53
CA TRP C 188 5.16 -2.09 -16.66
C TRP C 188 4.11 -2.41 -15.61
N THR C 189 4.33 -1.93 -14.40
CA THR C 189 3.26 -1.95 -13.41
C THR C 189 2.30 -0.80 -13.68
N ASP C 190 1.11 -0.91 -13.11
CA ASP C 190 0.24 0.24 -13.05
C ASP C 190 0.77 1.23 -12.00
N GLN C 191 0.20 2.42 -11.99
CA GLN C 191 0.66 3.46 -11.07
C GLN C 191 0.55 2.97 -9.63
N ASP C 192 1.64 3.13 -8.88
CA ASP C 192 1.69 2.69 -7.50
C ASP C 192 0.74 3.50 -6.63
N SER C 193 -0.13 2.81 -5.90
CA SER C 193 -1.16 3.48 -5.10
C SER C 193 -0.60 4.27 -3.93
N LYS C 194 0.68 4.06 -3.57
CA LYS C 194 1.29 4.73 -2.42
C LYS C 194 2.08 5.98 -2.82
N ASP C 195 3.03 5.86 -3.74
CA ASP C 195 3.89 6.98 -4.09
C ASP C 195 3.68 7.48 -5.51
N SER C 196 2.71 6.92 -6.23
CA SER C 196 2.30 7.37 -7.57
C SER C 196 3.39 7.20 -8.61
N THR C 197 4.38 6.34 -8.35
CA THR C 197 5.42 6.07 -9.32
C THR C 197 5.03 4.86 -10.16
N TYR C 198 5.86 4.56 -11.14
CA TYR C 198 5.73 3.36 -11.95
C TYR C 198 6.99 2.51 -11.80
N SER C 199 6.87 1.22 -12.10
CA SER C 199 8.01 0.33 -12.11
C SER C 199 7.90 -0.57 -13.33
N MET C 200 9.04 -1.10 -13.76
CA MET C 200 9.08 -1.89 -14.98
C MET C 200 10.17 -2.94 -14.88
N SER C 201 9.89 -4.12 -15.44
CA SER C 201 10.88 -5.17 -15.54
C SER C 201 11.21 -5.38 -17.01
N SER C 202 12.50 -5.51 -17.32
CA SER C 202 12.97 -5.83 -18.66
C SER C 202 13.76 -7.13 -18.58
N THR C 203 13.34 -8.13 -19.34
CA THR C 203 13.93 -9.46 -19.28
C THR C 203 14.46 -9.84 -20.66
N LEU C 204 15.76 -10.08 -20.75
CA LEU C 204 16.38 -10.57 -21.96
C LEU C 204 16.57 -12.08 -21.84
N THR C 205 15.93 -12.83 -22.73
CA THR C 205 15.96 -14.29 -22.67
C THR C 205 16.86 -14.82 -23.78
N LEU C 206 17.89 -15.58 -23.38
CA LEU C 206 18.88 -16.21 -24.23
C LEU C 206 18.84 -17.71 -24.02
N THR C 207 19.44 -18.46 -24.95
CA THR C 207 19.80 -19.84 -24.63
C THR C 207 20.97 -19.85 -23.66
N LYS C 208 21.23 -21.00 -23.05
CA LYS C 208 22.37 -21.09 -22.16
C LYS C 208 23.67 -20.93 -22.94
N ASP C 209 23.79 -21.58 -24.10
CA ASP C 209 24.99 -21.48 -24.92
C ASP C 209 25.27 -20.03 -25.31
N GLU C 210 24.26 -19.35 -25.85
CA GLU C 210 24.43 -17.96 -26.26
C GLU C 210 24.83 -17.09 -25.08
N TYR C 211 24.22 -17.33 -23.91
CA TYR C 211 24.56 -16.53 -22.74
C TYR C 211 26.01 -16.75 -22.31
N GLU C 212 26.49 -17.99 -22.41
CA GLU C 212 27.84 -18.26 -21.95
C GLU C 212 28.90 -17.95 -23.01
N ARG C 213 28.49 -17.57 -24.21
CA ARG C 213 29.46 -17.10 -25.20
C ARG C 213 29.93 -15.67 -24.98
N HIS C 214 29.33 -14.93 -24.05
CA HIS C 214 29.65 -13.53 -23.83
C HIS C 214 29.87 -13.25 -22.36
N ASN C 215 30.49 -12.10 -22.06
CA ASN C 215 30.94 -11.79 -20.72
C ASN C 215 30.20 -10.62 -20.08
N SER C 216 30.08 -9.50 -20.77
CA SER C 216 29.51 -8.29 -20.18
C SER C 216 28.05 -8.14 -20.61
N TYR C 217 27.17 -7.94 -19.63
CA TYR C 217 25.75 -7.73 -19.87
C TYR C 217 25.32 -6.44 -19.21
N THR C 218 24.57 -5.63 -19.95
CA THR C 218 24.28 -4.25 -19.57
C THR C 218 22.85 -3.89 -19.93
N CYS C 219 22.14 -3.25 -19.00
CA CYS C 219 20.89 -2.57 -19.31
C CYS C 219 21.05 -1.09 -19.04
N GLU C 220 20.58 -0.28 -19.98
CA GLU C 220 20.68 1.17 -19.94
C GLU C 220 19.26 1.74 -19.93
N ALA C 221 18.94 2.50 -18.90
CA ALA C 221 17.64 3.13 -18.75
C ALA C 221 17.75 4.59 -19.19
N THR C 222 17.00 4.94 -20.22
CA THR C 222 16.86 6.32 -20.66
C THR C 222 15.50 6.83 -20.19
N HIS C 223 15.53 7.85 -19.35
CA HIS C 223 14.34 8.47 -18.79
C HIS C 223 14.46 9.97 -18.97
N LYS C 224 13.31 10.64 -19.05
CA LYS C 224 13.31 12.08 -19.23
C LYS C 224 14.01 12.81 -18.09
N THR C 225 14.16 12.17 -16.92
CA THR C 225 14.78 12.84 -15.77
C THR C 225 16.28 13.05 -15.94
N SER C 226 16.88 12.54 -17.01
CA SER C 226 18.31 12.74 -17.20
C SER C 226 18.64 12.56 -18.67
N THR C 227 19.66 13.30 -19.11
CA THR C 227 20.11 13.18 -20.50
C THR C 227 20.89 11.90 -20.71
N SER C 228 21.77 11.55 -19.78
CA SER C 228 22.56 10.33 -19.81
C SER C 228 21.82 9.19 -19.15
N PRO C 229 21.89 7.98 -19.72
CA PRO C 229 21.15 6.86 -19.16
C PRO C 229 21.76 6.31 -17.89
N ILE C 230 20.90 5.72 -17.06
CA ILE C 230 21.35 4.97 -15.89
C ILE C 230 21.74 3.57 -16.34
N VAL C 231 23.00 3.21 -16.13
CA VAL C 231 23.59 2.01 -16.72
C VAL C 231 23.94 1.03 -15.61
N LYS C 232 23.48 -0.22 -15.75
CA LYS C 232 23.86 -1.28 -14.83
C LYS C 232 24.42 -2.46 -15.61
N SER C 233 25.51 -3.03 -15.09
CA SER C 233 26.26 -4.04 -15.82
C SER C 233 26.73 -5.13 -14.88
N PHE C 234 27.01 -6.30 -15.44
CA PHE C 234 27.74 -7.32 -14.73
C PHE C 234 28.62 -8.08 -15.71
N ASN C 235 29.75 -8.56 -15.21
CA ASN C 235 30.68 -9.39 -15.97
C ASN C 235 30.66 -10.80 -15.42
N ARG C 236 30.51 -11.77 -16.31
CA ARG C 236 30.54 -13.17 -15.92
C ARG C 236 31.92 -13.62 -15.42
N ASN C 237 32.85 -12.67 -15.29
CA ASN C 237 34.23 -12.94 -14.87
C ASN C 237 34.92 -13.79 -15.92
N ASP D 20 -27.40 -5.41 1.90
CA ASP D 20 -26.89 -4.66 0.77
C ASP D 20 -27.32 -5.27 -0.54
N VAL D 21 -27.28 -4.48 -1.61
CA VAL D 21 -27.48 -5.01 -2.95
C VAL D 21 -26.27 -5.86 -3.32
N GLN D 22 -26.52 -7.06 -3.83
CA GLN D 22 -25.44 -7.99 -4.16
C GLN D 22 -25.76 -8.75 -5.44
N LEU D 23 -24.77 -8.80 -6.33
CA LEU D 23 -24.75 -9.69 -7.48
C LEU D 23 -23.46 -10.49 -7.42
N VAL D 24 -23.57 -11.81 -7.33
CA VAL D 24 -22.39 -12.68 -7.20
C VAL D 24 -22.39 -13.68 -8.34
N GLU D 25 -21.41 -13.58 -9.24
CA GLU D 25 -21.29 -14.46 -10.39
C GLU D 25 -20.42 -15.66 -10.06
N SER D 26 -20.70 -16.76 -10.74
CA SER D 26 -19.94 -18.00 -10.59
C SER D 26 -20.04 -18.79 -11.89
N GLY D 27 -19.19 -19.80 -12.01
CA GLY D 27 -19.19 -20.67 -13.17
C GLY D 27 -17.99 -20.49 -14.09
N GLY D 28 -17.17 -19.48 -13.86
CA GLY D 28 -15.98 -19.31 -14.67
C GLY D 28 -14.96 -20.40 -14.40
N GLY D 29 -13.92 -20.41 -15.22
CA GLY D 29 -12.83 -21.34 -15.08
C GLY D 29 -12.19 -21.58 -16.43
N LEU D 30 -11.31 -22.58 -16.46
CA LEU D 30 -10.61 -22.96 -17.67
C LEU D 30 -11.46 -23.97 -18.45
N VAL D 31 -11.79 -23.63 -19.69
CA VAL D 31 -12.60 -24.47 -20.56
C VAL D 31 -11.91 -24.59 -21.91
N GLN D 32 -12.03 -25.77 -22.53
CA GLN D 32 -11.45 -26.00 -23.84
C GLN D 32 -12.25 -25.26 -24.91
N PRO D 33 -11.59 -24.82 -25.99
CA PRO D 33 -12.33 -24.28 -27.14
C PRO D 33 -13.32 -25.32 -27.66
N GLY D 34 -14.53 -24.86 -27.95
CA GLY D 34 -15.61 -25.73 -28.37
C GLY D 34 -16.47 -26.26 -27.24
N GLY D 35 -16.03 -26.09 -26.00
CA GLY D 35 -16.78 -26.58 -24.86
C GLY D 35 -17.95 -25.67 -24.49
N SER D 36 -18.64 -26.09 -23.43
CA SER D 36 -19.80 -25.38 -22.91
C SER D 36 -19.59 -25.08 -21.45
N ARG D 37 -20.23 -24.01 -20.98
CA ARG D 37 -20.12 -23.60 -19.58
C ARG D 37 -21.29 -22.69 -19.28
N LYS D 38 -21.91 -22.90 -18.12
CA LYS D 38 -23.04 -22.07 -17.70
C LYS D 38 -22.58 -21.17 -16.57
N LEU D 39 -22.77 -19.87 -16.75
CA LEU D 39 -22.49 -18.89 -15.71
C LEU D 39 -23.76 -18.61 -14.93
N SER D 40 -23.62 -18.42 -13.63
CA SER D 40 -24.71 -18.06 -12.74
C SER D 40 -24.41 -16.71 -12.12
N CYS D 41 -25.47 -15.96 -11.84
CA CYS D 41 -25.40 -14.69 -11.14
C CYS D 41 -26.49 -14.73 -10.08
N SER D 42 -26.10 -14.84 -8.81
CA SER D 42 -27.05 -14.85 -7.72
C SER D 42 -27.24 -13.43 -7.21
N ALA D 43 -28.50 -13.00 -7.15
CA ALA D 43 -28.85 -11.64 -6.73
C ALA D 43 -29.51 -11.67 -5.36
N SER D 44 -29.30 -10.60 -4.60
CA SER D 44 -29.94 -10.46 -3.30
C SER D 44 -29.94 -9.00 -2.89
N GLY D 45 -30.89 -8.63 -2.05
CA GLY D 45 -30.96 -7.27 -1.53
C GLY D 45 -31.78 -6.29 -2.34
N PHE D 46 -32.50 -6.76 -3.37
CA PHE D 46 -33.37 -5.91 -4.16
C PHE D 46 -34.38 -6.79 -4.87
N ALA D 47 -35.43 -6.17 -5.40
CA ALA D 47 -36.47 -6.91 -6.12
C ALA D 47 -35.96 -7.39 -7.47
N PHE D 48 -35.32 -8.56 -7.47
CA PHE D 48 -34.64 -9.05 -8.67
C PHE D 48 -35.58 -9.19 -9.86
N SER D 49 -36.80 -9.67 -9.62
CA SER D 49 -37.73 -9.90 -10.73
C SER D 49 -38.11 -8.61 -11.44
N SER D 50 -38.01 -7.46 -10.77
CA SER D 50 -38.40 -6.19 -11.38
C SER D 50 -37.34 -5.63 -12.31
N PHE D 51 -36.14 -6.18 -12.30
CA PHE D 51 -35.02 -5.61 -13.04
C PHE D 51 -34.76 -6.42 -14.30
N GLY D 52 -34.52 -5.71 -15.40
CA GLY D 52 -33.82 -6.32 -16.50
C GLY D 52 -32.39 -6.58 -16.12
N MET D 53 -31.77 -7.56 -16.78
CA MET D 53 -30.42 -7.96 -16.45
C MET D 53 -29.59 -8.08 -17.71
N HIS D 54 -28.33 -7.63 -17.61
CA HIS D 54 -27.36 -7.71 -18.69
C HIS D 54 -26.18 -8.55 -18.26
N TRP D 55 -25.55 -9.19 -19.24
CA TRP D 55 -24.19 -9.69 -19.11
C TRP D 55 -23.29 -8.78 -19.92
N VAL D 56 -22.22 -8.30 -19.28
CA VAL D 56 -21.18 -7.47 -19.87
C VAL D 56 -19.83 -8.10 -19.56
N ARG D 57 -18.96 -8.21 -20.56
CA ARG D 57 -17.68 -8.88 -20.33
C ARG D 57 -16.51 -7.95 -20.61
N GLN D 58 -15.34 -8.35 -20.10
CA GLN D 58 -14.11 -7.58 -20.20
C GLN D 58 -12.98 -8.56 -20.47
N ALA D 59 -12.47 -8.55 -21.69
CA ALA D 59 -11.34 -9.41 -22.04
C ALA D 59 -10.09 -8.92 -21.31
N PRO D 60 -9.14 -9.81 -21.03
CA PRO D 60 -7.95 -9.42 -20.27
C PRO D 60 -7.26 -8.21 -20.88
N GLU D 61 -7.04 -7.19 -20.05
CA GLU D 61 -6.40 -5.93 -20.44
C GLU D 61 -7.15 -5.21 -21.55
N LYS D 62 -8.44 -5.47 -21.71
CA LYS D 62 -9.24 -4.76 -22.70
C LYS D 62 -10.43 -4.10 -21.99
N GLY D 63 -11.35 -3.56 -22.80
CA GLY D 63 -12.46 -2.79 -22.30
C GLY D 63 -13.71 -3.61 -22.11
N LEU D 64 -14.79 -2.91 -21.81
CA LEU D 64 -16.09 -3.54 -21.60
C LEU D 64 -16.79 -3.85 -22.92
N GLU D 65 -17.45 -5.00 -22.98
CA GLU D 65 -18.20 -5.42 -24.16
C GLU D 65 -19.53 -5.98 -23.69
N TRP D 66 -20.62 -5.39 -24.16
CA TRP D 66 -21.95 -5.89 -23.81
C TRP D 66 -22.19 -7.24 -24.48
N VAL D 67 -22.77 -8.18 -23.73
CA VAL D 67 -22.96 -9.54 -24.18
C VAL D 67 -24.44 -9.87 -24.42
N ALA D 68 -25.28 -9.63 -23.43
CA ALA D 68 -26.67 -10.07 -23.58
C ALA D 68 -27.57 -9.33 -22.60
N TYR D 69 -28.87 -9.34 -22.90
CA TYR D 69 -29.91 -8.69 -22.12
C TYR D 69 -31.16 -9.54 -22.05
N ILE D 70 -31.74 -9.63 -20.85
CA ILE D 70 -33.05 -10.22 -20.67
C ILE D 70 -33.88 -9.26 -19.82
N SER D 71 -35.04 -8.86 -20.33
CA SER D 71 -35.86 -7.90 -19.62
C SER D 71 -36.49 -8.53 -18.39
N SER D 72 -36.98 -7.66 -17.50
CA SER D 72 -37.83 -8.13 -16.41
C SER D 72 -39.07 -8.82 -16.99
N GLY D 73 -39.32 -10.03 -16.51
CA GLY D 73 -40.40 -10.83 -17.06
C GLY D 73 -40.01 -11.71 -18.23
N SER D 74 -38.77 -11.62 -18.70
CA SER D 74 -38.22 -12.48 -19.75
C SER D 74 -38.93 -12.33 -21.09
N GLY D 75 -39.62 -11.22 -21.33
CA GLY D 75 -40.32 -11.04 -22.59
C GLY D 75 -39.47 -10.52 -23.72
N THR D 76 -38.27 -10.00 -23.42
CA THR D 76 -37.36 -9.44 -24.41
C THR D 76 -35.96 -9.96 -24.15
N ILE D 77 -35.29 -10.41 -25.20
CA ILE D 77 -33.92 -10.92 -25.09
C ILE D 77 -33.12 -10.39 -26.26
N TYR D 78 -31.98 -9.78 -25.98
CA TYR D 78 -31.05 -9.33 -27.01
C TYR D 78 -29.69 -9.97 -26.78
N TYR D 79 -28.96 -10.23 -27.87
CA TYR D 79 -27.62 -10.76 -27.83
C TYR D 79 -26.70 -9.93 -28.71
N ALA D 80 -25.45 -9.82 -28.30
CA ALA D 80 -24.44 -9.24 -29.17
C ALA D 80 -24.16 -10.17 -30.34
N ASP D 81 -23.72 -9.58 -31.47
CA ASP D 81 -23.48 -10.36 -32.68
C ASP D 81 -22.38 -11.39 -32.50
N THR D 82 -21.45 -11.15 -31.58
CA THR D 82 -20.33 -12.05 -31.37
C THR D 82 -20.74 -13.33 -30.65
N VAL D 83 -21.89 -13.34 -30.00
CA VAL D 83 -22.30 -14.48 -29.17
C VAL D 83 -23.65 -15.05 -29.55
N LYS D 84 -24.42 -14.37 -30.41
CA LYS D 84 -25.75 -14.85 -30.75
C LYS D 84 -25.68 -16.22 -31.41
N GLY D 85 -26.68 -17.05 -31.14
CA GLY D 85 -26.70 -18.42 -31.60
C GLY D 85 -25.86 -19.37 -30.77
N ARG D 86 -24.91 -18.88 -29.99
CA ARG D 86 -24.08 -19.72 -29.13
C ARG D 86 -24.40 -19.58 -27.66
N PHE D 87 -24.78 -18.39 -27.22
CA PHE D 87 -25.08 -18.10 -25.82
C PHE D 87 -26.59 -17.99 -25.64
N THR D 88 -27.07 -18.40 -24.48
CA THR D 88 -28.48 -18.32 -24.12
C THR D 88 -28.58 -17.68 -22.75
N ILE D 89 -29.31 -16.56 -22.66
CA ILE D 89 -29.52 -15.89 -21.39
C ILE D 89 -30.88 -16.31 -20.85
N SER D 90 -30.96 -16.50 -19.54
CA SER D 90 -32.23 -16.88 -18.94
C SER D 90 -32.21 -16.46 -17.47
N ARG D 91 -33.37 -16.56 -16.83
CA ARG D 91 -33.46 -16.15 -15.44
C ARG D 91 -34.45 -17.01 -14.69
N ASP D 92 -34.10 -17.33 -13.45
CA ASP D 92 -34.98 -18.00 -12.50
C ASP D 92 -35.33 -16.95 -11.43
N ASP D 93 -36.47 -16.30 -11.61
CA ASP D 93 -36.89 -15.22 -10.72
C ASP D 93 -37.21 -15.73 -9.32
N PRO D 94 -37.88 -16.88 -9.16
CA PRO D 94 -38.06 -17.39 -7.78
C PRO D 94 -36.76 -17.65 -7.05
N LYS D 95 -35.73 -18.11 -7.74
CA LYS D 95 -34.43 -18.38 -7.14
C LYS D 95 -33.47 -17.20 -7.23
N ASN D 96 -33.92 -16.06 -7.77
CA ASN D 96 -33.11 -14.84 -7.84
C ASN D 96 -31.79 -15.09 -8.55
N THR D 97 -31.85 -15.79 -9.69
CA THR D 97 -30.63 -16.18 -10.39
C THR D 97 -30.71 -15.82 -11.87
N LEU D 98 -29.61 -15.30 -12.41
CA LEU D 98 -29.44 -15.06 -13.83
C LEU D 98 -28.48 -16.11 -14.38
N PHE D 99 -28.72 -16.56 -15.60
CA PHE D 99 -27.91 -17.60 -16.22
C PHE D 99 -27.44 -17.15 -17.59
N LEU D 100 -26.21 -17.55 -17.91
CA LEU D 100 -25.65 -17.42 -19.26
C LEU D 100 -25.11 -18.79 -19.65
N GLN D 101 -25.85 -19.52 -20.48
CA GLN D 101 -25.38 -20.79 -21.01
C GLN D 101 -24.54 -20.52 -22.26
N MET D 102 -23.29 -20.98 -22.28
CA MET D 102 -22.39 -20.76 -23.39
C MET D 102 -22.02 -22.09 -24.02
N THR D 103 -22.05 -22.14 -25.36
CA THR D 103 -21.68 -23.30 -26.14
C THR D 103 -20.71 -22.86 -27.23
N SER D 104 -20.06 -23.85 -27.84
CA SER D 104 -19.06 -23.61 -28.89
C SER D 104 -18.12 -22.47 -28.49
N LEU D 105 -17.56 -22.59 -27.29
CA LEU D 105 -16.75 -21.50 -26.77
C LEU D 105 -15.52 -21.31 -27.63
N ARG D 106 -15.16 -20.06 -27.86
CA ARG D 106 -14.00 -19.68 -28.63
C ARG D 106 -13.02 -18.94 -27.73
N SER D 107 -11.76 -18.89 -28.15
CA SER D 107 -10.75 -18.21 -27.35
C SER D 107 -11.15 -16.76 -27.06
N GLU D 108 -11.74 -16.08 -28.04
CA GLU D 108 -12.13 -14.69 -27.85
C GLU D 108 -13.27 -14.53 -26.85
N ASP D 109 -13.91 -15.63 -26.42
CA ASP D 109 -14.85 -15.52 -25.31
C ASP D 109 -14.17 -15.40 -23.96
N THR D 110 -12.84 -15.51 -23.90
CA THR D 110 -12.10 -15.36 -22.65
C THR D 110 -12.32 -13.95 -22.10
N ALA D 111 -12.79 -13.88 -20.85
CA ALA D 111 -13.11 -12.57 -20.28
C ALA D 111 -13.55 -12.76 -18.83
N MET D 112 -13.51 -11.66 -18.09
CA MET D 112 -14.30 -11.53 -16.88
C MET D 112 -15.74 -11.18 -17.27
N TYR D 113 -16.71 -11.88 -16.70
CA TYR D 113 -18.12 -11.68 -17.01
C TYR D 113 -18.83 -11.08 -15.80
N TYR D 114 -19.47 -9.93 -16.01
CA TYR D 114 -20.27 -9.23 -15.00
C TYR D 114 -21.75 -9.35 -15.34
N CYS D 115 -22.57 -9.60 -14.33
CA CYS D 115 -24.00 -9.36 -14.47
C CYS D 115 -24.29 -7.95 -13.96
N VAL D 116 -25.19 -7.27 -14.64
CA VAL D 116 -25.53 -5.87 -14.37
C VAL D 116 -27.04 -5.77 -14.28
N ARG D 117 -27.54 -5.12 -13.23
CA ARG D 117 -28.97 -4.90 -13.10
C ARG D 117 -29.35 -3.60 -13.79
N SER D 118 -30.58 -3.56 -14.31
CA SER D 118 -31.02 -2.41 -15.10
C SER D 118 -32.54 -2.39 -15.08
N ILE D 119 -33.12 -1.46 -14.33
CA ILE D 119 -34.56 -1.27 -14.31
C ILE D 119 -34.90 -0.06 -15.16
N TYR D 120 -35.95 -0.18 -15.97
CA TYR D 120 -36.30 0.82 -16.97
C TYR D 120 -37.68 1.37 -16.64
N TYR D 121 -37.71 2.58 -16.10
CA TYR D 121 -38.94 3.33 -15.95
C TYR D 121 -38.60 4.81 -16.06
N TYR D 122 -39.63 5.65 -16.03
CA TYR D 122 -39.44 7.08 -16.13
C TYR D 122 -38.56 7.58 -15.00
N GLY D 123 -37.41 8.16 -15.35
CA GLY D 123 -36.50 8.70 -14.37
C GLY D 123 -35.60 7.67 -13.71
N SER D 124 -35.67 6.41 -14.13
CA SER D 124 -34.82 5.39 -13.54
C SER D 124 -33.37 5.59 -13.94
N SER D 125 -32.48 4.92 -13.21
CA SER D 125 -31.04 4.93 -13.49
C SER D 125 -30.63 3.52 -13.88
N PRO D 126 -30.67 3.18 -15.16
CA PRO D 126 -30.22 1.86 -15.60
C PRO D 126 -28.74 1.64 -15.35
N PHE D 127 -28.34 0.36 -15.36
CA PHE D 127 -26.94 -0.05 -15.26
C PHE D 127 -26.29 0.40 -13.95
N ASP D 128 -27.08 0.51 -12.88
CA ASP D 128 -26.57 1.16 -11.67
C ASP D 128 -25.86 0.20 -10.71
N PHE D 129 -25.85 -1.10 -10.95
CA PHE D 129 -25.11 -2.00 -10.09
C PHE D 129 -24.54 -3.17 -10.89
N TRP D 130 -23.24 -3.42 -10.71
CA TRP D 130 -22.51 -4.49 -11.37
C TRP D 130 -21.98 -5.48 -10.34
N GLY D 131 -22.00 -6.77 -10.71
CA GLY D 131 -21.51 -7.80 -9.82
C GLY D 131 -19.98 -7.85 -9.72
N GLN D 132 -19.50 -8.83 -8.94
CA GLN D 132 -18.08 -9.01 -8.70
C GLN D 132 -17.34 -9.50 -9.94
N GLY D 133 -18.03 -10.19 -10.82
CA GLY D 133 -17.46 -10.80 -12.01
C GLY D 133 -16.96 -12.21 -11.76
N THR D 134 -17.01 -13.03 -12.80
CA THR D 134 -16.39 -14.34 -12.78
C THR D 134 -15.54 -14.50 -14.02
N THR D 135 -14.39 -15.14 -13.89
CA THR D 135 -13.41 -15.21 -14.97
C THR D 135 -13.54 -16.50 -15.75
N LEU D 136 -13.67 -16.38 -17.07
CA LEU D 136 -13.72 -17.52 -17.98
C LEU D 136 -12.49 -17.47 -18.89
N THR D 137 -11.74 -18.58 -18.93
CA THR D 137 -10.57 -18.69 -19.78
C THR D 137 -10.80 -19.84 -20.77
N VAL D 138 -10.92 -19.50 -22.04
CA VAL D 138 -11.16 -20.50 -23.08
C VAL D 138 -9.82 -20.74 -23.77
N SER D 139 -9.25 -21.92 -23.55
CA SER D 139 -7.92 -22.23 -24.07
C SER D 139 -7.66 -23.73 -23.99
N SER D 140 -6.97 -24.26 -24.99
CA SER D 140 -6.48 -25.63 -24.92
C SER D 140 -5.08 -25.73 -24.34
N ALA D 141 -4.50 -24.61 -23.90
CA ALA D 141 -3.23 -24.65 -23.20
C ALA D 141 -3.35 -25.49 -21.95
N LYS D 142 -2.32 -26.28 -21.67
CA LYS D 142 -2.35 -27.22 -20.56
C LYS D 142 -1.90 -26.52 -19.29
N THR D 143 -2.55 -26.87 -18.18
CA THR D 143 -2.14 -26.36 -16.88
C THR D 143 -0.70 -26.79 -16.61
N THR D 144 0.15 -25.80 -16.30
CA THR D 144 1.59 -26.00 -16.19
C THR D 144 2.06 -25.26 -14.94
N PRO D 145 2.76 -25.92 -14.01
CA PRO D 145 3.28 -25.21 -12.86
C PRO D 145 4.43 -24.30 -13.25
N PRO D 146 4.72 -23.28 -12.46
CA PRO D 146 5.81 -22.36 -12.82
C PRO D 146 7.16 -22.86 -12.34
N SER D 147 8.19 -22.50 -13.11
CA SER D 147 9.56 -22.55 -12.62
C SER D 147 9.86 -21.26 -11.90
N VAL D 148 10.43 -21.36 -10.71
CA VAL D 148 10.76 -20.18 -9.89
C VAL D 148 12.26 -20.06 -9.81
N TYR D 149 12.79 -18.92 -10.23
CA TYR D 149 14.22 -18.65 -10.28
C TYR D 149 14.54 -17.45 -9.40
N PRO D 150 15.50 -17.57 -8.49
CA PRO D 150 15.86 -16.42 -7.65
C PRO D 150 16.66 -15.40 -8.42
N LEU D 151 16.46 -14.13 -8.07
CA LEU D 151 17.18 -13.01 -8.67
C LEU D 151 17.96 -12.34 -7.55
N ALA D 152 19.25 -12.63 -7.48
CA ALA D 152 20.19 -12.12 -6.51
C ALA D 152 21.30 -11.35 -7.22
N PRO D 153 21.87 -10.33 -6.59
CA PRO D 153 22.94 -9.56 -7.25
C PRO D 153 24.14 -10.44 -7.57
N GLY D 154 24.85 -10.04 -8.63
CA GLY D 154 26.06 -10.71 -9.04
C GLY D 154 27.20 -10.49 -8.06
N CYS D 155 28.27 -11.24 -8.29
CA CYS D 155 29.44 -11.23 -7.39
C CYS D 155 30.01 -9.82 -7.22
N GLY D 156 30.30 -9.14 -8.34
CA GLY D 156 31.05 -7.89 -8.26
C GLY D 156 30.19 -6.66 -8.05
N ASP D 157 28.97 -6.87 -7.55
CA ASP D 157 28.06 -5.78 -7.23
C ASP D 157 28.50 -5.12 -5.94
N THR D 158 28.55 -3.80 -5.95
CA THR D 158 28.81 -3.03 -4.76
C THR D 158 27.55 -2.91 -3.92
N THR D 159 27.71 -3.05 -2.60
CA THR D 159 26.60 -3.05 -1.67
C THR D 159 26.27 -1.60 -1.33
N GLY D 160 25.14 -1.11 -1.84
CA GLY D 160 24.64 0.19 -1.46
C GLY D 160 23.88 0.12 -0.15
N SER D 161 23.23 1.23 0.20
CA SER D 161 22.46 1.26 1.43
C SER D 161 21.31 0.26 1.38
N SER D 162 20.69 0.10 0.22
CA SER D 162 19.58 -0.82 0.05
C SER D 162 19.95 -1.87 -1.01
N VAL D 163 19.27 -3.01 -0.96
CA VAL D 163 19.48 -4.10 -1.90
C VAL D 163 18.13 -4.57 -2.42
N THR D 164 18.05 -4.77 -3.74
CA THR D 164 16.85 -5.27 -4.38
C THR D 164 17.06 -6.72 -4.77
N LEU D 165 16.10 -7.58 -4.41
CA LEU D 165 16.07 -8.97 -4.77
C LEU D 165 14.81 -9.26 -5.57
N GLY D 166 14.74 -10.46 -6.14
CA GLY D 166 13.55 -10.76 -6.90
C GLY D 166 13.36 -12.25 -7.08
N CYS D 167 12.23 -12.58 -7.67
CA CYS D 167 11.92 -13.94 -8.08
C CYS D 167 11.28 -13.88 -9.44
N LEU D 168 11.82 -14.65 -10.38
CA LEU D 168 11.32 -14.80 -11.74
C LEU D 168 10.47 -16.06 -11.81
N VAL D 169 9.22 -15.92 -12.20
CA VAL D 169 8.25 -17.00 -12.22
C VAL D 169 7.89 -17.22 -13.69
N LYS D 170 8.35 -18.34 -14.26
CA LYS D 170 8.40 -18.55 -15.69
C LYS D 170 7.66 -19.82 -16.10
N GLY D 171 6.94 -19.75 -17.23
CA GLY D 171 6.40 -20.93 -17.88
C GLY D 171 5.21 -21.59 -17.24
N TYR D 172 4.25 -20.81 -16.75
CA TYR D 172 3.06 -21.36 -16.08
C TYR D 172 1.79 -21.02 -16.85
N PHE D 173 0.72 -21.76 -16.52
CA PHE D 173 -0.61 -21.58 -17.09
C PHE D 173 -1.60 -22.31 -16.21
N PRO D 174 -2.79 -21.74 -15.93
CA PRO D 174 -3.23 -20.40 -16.36
C PRO D 174 -2.64 -19.29 -15.49
N GLU D 175 -2.94 -18.04 -15.90
CA GLU D 175 -2.33 -16.82 -15.35
C GLU D 175 -2.96 -16.47 -14.02
N SER D 176 -2.35 -16.98 -12.96
N SER D 176 -2.40 -17.02 -12.94
CA SER D 176 -2.78 -16.73 -11.60
CA SER D 176 -2.76 -16.61 -11.59
C SER D 176 -1.74 -17.27 -10.61
C SER D 176 -1.80 -17.17 -10.56
N VAL D 177 -0.67 -16.50 -10.37
CA VAL D 177 0.30 -16.81 -9.32
C VAL D 177 0.28 -15.67 -8.31
N THR D 178 0.57 -15.99 -7.06
CA THR D 178 0.79 -14.97 -6.05
C THR D 178 2.20 -15.15 -5.51
N VAL D 179 2.95 -14.06 -5.42
CA VAL D 179 4.31 -14.09 -4.89
C VAL D 179 4.33 -13.26 -3.62
N THR D 180 4.70 -13.88 -2.52
CA THR D 180 4.81 -13.21 -1.23
C THR D 180 6.24 -13.32 -0.72
N TRP D 181 6.65 -12.37 0.09
CA TRP D 181 8.02 -12.32 0.59
C TRP D 181 8.00 -12.48 2.11
N ASN D 182 8.75 -13.48 2.59
CA ASN D 182 8.79 -13.83 4.02
C ASN D 182 7.39 -14.00 4.59
N SER D 183 6.55 -14.74 3.85
CA SER D 183 5.17 -15.04 4.23
C SER D 183 4.37 -13.79 4.55
N GLY D 184 4.63 -12.69 3.82
CA GLY D 184 3.89 -11.46 3.97
C GLY D 184 4.52 -10.43 4.87
N SER D 185 5.58 -10.78 5.60
CA SER D 185 6.23 -9.82 6.48
C SER D 185 6.89 -8.68 5.71
N LEU D 186 7.23 -8.90 4.44
CA LEU D 186 7.74 -7.85 3.57
C LEU D 186 6.66 -7.52 2.55
N SER D 187 6.15 -6.28 2.59
CA SER D 187 5.11 -5.84 1.67
C SER D 187 5.27 -4.40 1.18
N SER D 188 5.89 -3.51 1.95
CA SER D 188 5.89 -2.09 1.60
C SER D 188 6.70 -1.81 0.34
N SER D 189 7.79 -2.54 0.15
CA SER D 189 8.73 -2.29 -0.94
C SER D 189 8.68 -3.38 -2.01
N VAL D 190 7.54 -4.05 -2.16
CA VAL D 190 7.38 -5.13 -3.12
C VAL D 190 6.77 -4.58 -4.40
N HIS D 191 7.30 -5.03 -5.54
CA HIS D 191 6.73 -4.73 -6.84
C HIS D 191 6.36 -6.05 -7.51
N THR D 192 5.12 -6.13 -7.99
CA THR D 192 4.62 -7.29 -8.71
C THR D 192 4.49 -6.91 -10.19
N PHE D 193 5.26 -7.57 -11.05
CA PHE D 193 5.13 -7.12 -12.42
C PHE D 193 4.13 -8.00 -13.17
N PRO D 194 3.27 -7.36 -13.97
CA PRO D 194 2.21 -8.10 -14.64
C PRO D 194 2.77 -9.17 -15.55
N ALA D 195 2.07 -10.30 -15.60
CA ALA D 195 2.50 -11.43 -16.40
C ALA D 195 2.35 -11.14 -17.88
N LEU D 196 3.27 -11.67 -18.66
CA LEU D 196 3.21 -11.60 -20.12
C LEU D 196 3.30 -13.00 -20.69
N LEU D 197 2.73 -13.17 -21.88
CA LEU D 197 2.81 -14.43 -22.60
CA LEU D 197 2.81 -14.43 -22.60
C LEU D 197 4.16 -14.54 -23.31
N GLN D 198 4.77 -15.71 -23.21
CA GLN D 198 6.08 -16.01 -23.75
C GLN D 198 6.06 -17.49 -24.11
N SER D 199 6.17 -17.79 -25.41
CA SER D 199 6.13 -19.17 -25.90
C SER D 199 4.87 -19.90 -25.44
N GLY D 200 3.74 -19.18 -25.43
CA GLY D 200 2.48 -19.78 -25.06
C GLY D 200 2.27 -20.01 -23.58
N LEU D 201 3.20 -19.59 -22.73
CA LEU D 201 3.03 -19.70 -21.28
C LEU D 201 3.25 -18.33 -20.65
N TYR D 202 2.97 -18.20 -19.36
CA TYR D 202 3.07 -16.90 -18.72
C TYR D 202 4.38 -16.77 -17.94
N THR D 203 4.90 -15.54 -17.90
CA THR D 203 6.07 -15.18 -17.12
C THR D 203 5.77 -13.91 -16.36
N MET D 204 6.09 -13.88 -15.08
CA MET D 204 6.04 -12.67 -14.29
C MET D 204 7.28 -12.61 -13.40
N SER D 205 7.46 -11.49 -12.72
CA SER D 205 8.50 -11.41 -11.72
C SER D 205 8.01 -10.54 -10.56
N SER D 206 8.71 -10.65 -9.45
CA SER D 206 8.43 -9.84 -8.28
C SER D 206 9.76 -9.38 -7.69
N SER D 207 9.81 -8.13 -7.25
CA SER D 207 10.99 -7.57 -6.63
C SER D 207 10.65 -7.11 -5.23
N VAL D 208 11.66 -7.16 -4.35
CA VAL D 208 11.55 -6.67 -2.99
C VAL D 208 12.84 -5.91 -2.68
N THR D 209 12.73 -4.83 -1.92
CA THR D 209 13.90 -4.00 -1.58
C THR D 209 14.01 -3.92 -0.06
N VAL D 210 15.20 -4.27 0.45
CA VAL D 210 15.42 -4.32 1.89
C VAL D 210 16.76 -3.58 2.20
N PRO D 211 16.92 -3.14 3.43
CA PRO D 211 18.22 -2.57 3.83
C PRO D 211 19.35 -3.58 3.66
N SER D 212 20.51 -3.09 3.23
CA SER D 212 21.63 -4.00 3.00
C SER D 212 22.12 -4.66 4.28
N SER D 213 21.76 -4.11 5.44
CA SER D 213 22.10 -4.71 6.73
C SER D 213 21.18 -5.87 7.10
N THR D 214 20.09 -6.08 6.37
CA THR D 214 19.18 -7.18 6.67
C THR D 214 19.36 -8.39 5.77
N TRP D 215 19.95 -8.20 4.59
CA TRP D 215 20.24 -9.31 3.70
C TRP D 215 21.67 -9.17 3.17
N PRO D 216 22.45 -10.25 3.15
CA PRO D 216 22.03 -11.63 3.47
C PRO D 216 22.12 -12.01 4.93
N SER D 217 22.34 -11.06 5.84
CA SER D 217 22.45 -11.40 7.25
C SER D 217 21.22 -12.16 7.74
N GLN D 218 20.04 -11.78 7.26
CA GLN D 218 18.81 -12.48 7.58
C GLN D 218 18.16 -12.98 6.30
N THR D 219 17.31 -14.00 6.45
CA THR D 219 16.82 -14.74 5.30
C THR D 219 15.64 -14.03 4.65
N VAL D 220 15.69 -13.96 3.32
CA VAL D 220 14.62 -13.46 2.49
C VAL D 220 14.17 -14.61 1.61
N THR D 221 12.88 -14.95 1.66
CA THR D 221 12.31 -16.06 0.93
C THR D 221 11.12 -15.57 0.12
N CYS D 222 11.06 -15.96 -1.13
CA CYS D 222 9.86 -15.70 -1.92
C CYS D 222 9.04 -16.98 -2.01
N SER D 223 7.73 -16.84 -1.84
N SER D 223 7.73 -16.84 -1.84
CA SER D 223 6.80 -17.95 -1.92
CA SER D 223 6.79 -17.95 -1.90
C SER D 223 5.85 -17.70 -3.07
C SER D 223 5.84 -17.70 -3.06
N VAL D 224 5.83 -18.62 -4.03
CA VAL D 224 5.02 -18.51 -5.23
C VAL D 224 3.95 -19.58 -5.16
N ALA D 225 2.69 -19.16 -5.11
CA ALA D 225 1.54 -20.06 -5.10
C ALA D 225 0.89 -20.03 -6.46
N HIS D 226 0.71 -21.22 -7.06
CA HIS D 226 -0.01 -21.42 -8.31
C HIS D 226 -1.12 -22.42 -7.99
N PRO D 227 -2.29 -21.94 -7.54
CA PRO D 227 -3.36 -22.87 -7.12
C PRO D 227 -3.87 -23.74 -8.25
N ALA D 228 -3.83 -23.24 -9.48
CA ALA D 228 -4.36 -24.02 -10.60
C ALA D 228 -3.64 -25.35 -10.75
N SER D 229 -2.33 -25.37 -10.50
CA SER D 229 -1.57 -26.61 -10.53
C SER D 229 -1.36 -27.17 -9.12
N SER D 230 -2.02 -26.60 -8.12
CA SER D 230 -1.86 -27.05 -6.73
C SER D 230 -0.40 -27.05 -6.32
N THR D 231 0.33 -26.00 -6.68
CA THR D 231 1.77 -25.96 -6.46
C THR D 231 2.13 -24.74 -5.63
N THR D 232 3.06 -24.91 -4.70
CA THR D 232 3.68 -23.80 -3.99
C THR D 232 5.18 -24.03 -3.96
N VAL D 233 5.95 -23.02 -4.35
CA VAL D 233 7.41 -23.08 -4.38
C VAL D 233 7.97 -21.96 -3.52
N ASP D 234 8.82 -22.31 -2.57
CA ASP D 234 9.54 -21.33 -1.76
C ASP D 234 11.01 -21.31 -2.19
N LYS D 235 11.53 -20.13 -2.54
CA LYS D 235 12.94 -19.97 -2.88
C LYS D 235 13.57 -19.02 -1.88
N LYS D 236 14.56 -19.52 -1.14
CA LYS D 236 15.34 -18.68 -0.25
C LYS D 236 16.46 -18.01 -1.04
N LEU D 237 16.51 -16.69 -0.96
CA LEU D 237 17.51 -15.93 -1.71
C LEU D 237 18.88 -16.08 -1.05
N GLU D 238 19.86 -16.51 -1.84
CA GLU D 238 21.23 -16.72 -1.35
C GLU D 238 22.19 -15.73 -2.01
N PRO D 239 23.16 -15.20 -1.27
CA PRO D 239 24.11 -14.26 -1.87
C PRO D 239 25.05 -14.98 -2.84
N SER D 240 25.51 -14.23 -3.84
CA SER D 240 26.39 -14.78 -4.87
C SER D 240 27.85 -14.43 -4.64
#